data_6GY0
#
_entry.id   6GY0
#
_cell.length_a   140.910
_cell.length_b   63.700
_cell.length_c   115.870
_cell.angle_alpha   90.00
_cell.angle_beta   103.61
_cell.angle_gamma   90.00
#
_symmetry.space_group_name_H-M   'C 1 2 1'
#
loop_
_entity.id
_entity.type
_entity.pdbx_description
1 polymer 'Phosphatidylinositol 4,5-bisphosphate 3-kinase catalytic subunit delta isoform'
2 non-polymer ~{N}-[4-methyl-5-(1-oxidanylidene-7-sulfamoyl-isoindol-5-yl)-1,3-thiazol-2-yl]ethanamide
3 water water
#
_entity_poly.entity_id   1
_entity_poly.type   'polypeptide(L)'
_entity_poly.pdbx_seq_one_letter_code
;GDRVKKLINSQISLLIGKGLHEFDSLRDPEVNDFRTKMRQFCEEAAAHRQQLGWVEWLQYSFPLQLEPSARGWRAGLLRV
SNRALLVNVKFEGSEESFTFQVSTKDMPLALMACALRKKATVFRQPLVEQPEEYALQVNGRHEYLYGNYPLCHFQYICSC
LHSGLTPHLTMVHSSSILAMRDEQSNPAPQVQKPRAKPPPIPAKKPSSVSLWSLEQPFSIELIEGRKVNADERMKLVVQA
GLFHGNEMLCKTVSSSEVNVCSEPVWKQRLEFDISVCDLPRMARLCFALYAVVEKAKKARSTKKKSKKADCPIAWANLML
FDYKDQLKTGERCLYMWPSVPDEKGELLNPAGTVRGNPNTESAAALVIYLPEVAPHPVYFPALEKILELGRHGERGRITE
EELQLREILERRGSGELYEHEKDLVWKMRHEVQEHFPEALARLLLVTKWNKHEDVAQMLYLLCSWPELPVLSALELLDFS
FPDCYVGSFAIKSLRKLTDDELFQYLLQLVQVLKYESYLDCELTKFLLGRALANRKIGHFLFWHLRSEMHVPSVALRFGL
IMEAYCRGSTHHMKVLMKQGEALSKLKALNDFVKVSSQKTTKPQTKEMMHMCMRQETYMEALSHLQSPLDPSTLLEEVCV
EQCTFMDSKMKPLWIMYSSEEAGSAGNVGIIFKNGDDLRQDMLTLQMIQLMDVLWKQEGLDLRMTPYGCLPTGDRTGLIE
VVLHSDTIANIQLNKSNMAATAAFNKDALLNWLKSKNPGEALDRAIEEFTLSCAGYCVATYVLGIGDRHSDNIMIRESGQ
LFHIDFGHFLGNFKTKFGINRERVPFILTYDFVHVIQQGKTNNSEKFERFRGYCERAYTILRRHGLLFLHLFALMRAAGL
PELSCSKDIQYLKDSLALGKTEEEALKHFRVKFNEALRESWKTKVNWLAHNVSKDNRQ
;
_entity_poly.pdbx_strand_id   A
#
# COMPACT_ATOMS: atom_id res chain seq x y z
N VAL A 4 -19.47 -0.38 29.48
CA VAL A 4 -19.06 -1.80 29.72
C VAL A 4 -18.24 -2.22 28.47
N LYS A 5 -18.09 -3.53 28.27
CA LYS A 5 -17.79 -4.12 26.94
C LYS A 5 -18.63 -3.53 25.77
N LYS A 6 -19.92 -3.29 26.03
CA LYS A 6 -20.87 -2.78 25.01
C LYS A 6 -20.47 -1.45 24.36
N LEU A 7 -19.81 -0.57 25.12
CA LEU A 7 -19.39 0.71 24.55
C LEU A 7 -18.26 0.55 23.54
N ILE A 8 -17.31 -0.33 23.81
CA ILE A 8 -16.24 -0.65 22.85
C ILE A 8 -16.85 -1.20 21.55
N ASN A 9 -17.83 -2.10 21.67
CA ASN A 9 -18.50 -2.71 20.52
C ASN A 9 -19.17 -1.70 19.61
N SER A 10 -19.92 -0.77 20.19
CA SER A 10 -20.63 0.26 19.40
C SER A 10 -19.66 1.25 18.75
N GLN A 11 -18.54 1.51 19.41
CA GLN A 11 -17.47 2.33 18.84
C GLN A 11 -16.75 1.66 17.68
N ILE A 12 -16.42 0.38 17.85
CA ILE A 12 -15.79 -0.43 16.79
C ILE A 12 -16.73 -0.49 15.59
N SER A 13 -17.97 -0.89 15.86
CA SER A 13 -19.06 -0.88 14.89
C SER A 13 -19.16 0.41 14.06
N LEU A 14 -19.09 1.55 14.72
CA LEU A 14 -19.11 2.84 14.02
C LEU A 14 -17.80 3.05 13.25
N LEU A 15 -16.68 2.67 13.87
CA LEU A 15 -15.35 2.85 13.28
C LEU A 15 -15.09 2.06 12.00
N ILE A 16 -15.57 0.81 11.92
CA ILE A 16 -15.37 -0.04 10.74
C ILE A 16 -16.50 0.04 9.70
N GLY A 17 -17.61 0.68 10.05
CA GLY A 17 -18.77 0.79 9.16
C GLY A 17 -19.53 -0.52 8.96
N LYS A 18 -19.52 -1.36 10.00
CA LYS A 18 -20.16 -2.68 9.95
C LYS A 18 -20.38 -3.16 11.39
N GLY A 19 -21.65 -3.17 11.83
CA GLY A 19 -22.01 -3.51 13.21
C GLY A 19 -21.62 -4.92 13.61
N LEU A 20 -21.08 -5.07 14.81
CA LEU A 20 -20.59 -6.38 15.29
C LEU A 20 -21.69 -7.41 15.56
N HIS A 21 -22.95 -6.96 15.63
CA HIS A 21 -24.11 -7.85 15.59
C HIS A 21 -24.16 -8.70 14.31
N GLU A 22 -23.68 -8.15 13.20
CA GLU A 22 -23.70 -8.83 11.91
C GLU A 22 -22.77 -10.03 11.85
N PHE A 23 -21.62 -9.97 12.53
CA PHE A 23 -20.70 -11.13 12.60
C PHE A 23 -21.36 -12.32 13.30
N ASP A 24 -22.01 -12.05 14.43
CA ASP A 24 -22.75 -13.07 15.19
C ASP A 24 -23.89 -13.69 14.39
N SER A 25 -24.63 -12.85 13.66
CA SER A 25 -25.78 -13.26 12.86
C SER A 25 -25.46 -14.24 11.72
N LEU A 26 -24.18 -14.42 11.40
CA LEU A 26 -23.78 -15.45 10.45
C LEU A 26 -23.84 -16.86 11.05
N ARG A 27 -23.59 -16.97 12.36
CA ARG A 27 -23.48 -18.25 13.06
C ARG A 27 -22.31 -19.11 12.55
N ASP A 28 -21.32 -18.47 11.91
CA ASP A 28 -20.20 -19.15 11.27
C ASP A 28 -19.15 -19.53 12.33
N PRO A 29 -18.75 -20.82 12.39
CA PRO A 29 -17.68 -21.21 13.33
C PRO A 29 -16.29 -20.60 13.04
N GLU A 30 -15.93 -20.41 11.77
CA GLU A 30 -14.65 -19.81 11.39
C GLU A 30 -14.54 -18.35 11.83
N VAL A 31 -15.62 -17.59 11.63
CA VAL A 31 -15.72 -16.20 12.09
C VAL A 31 -15.61 -16.17 13.61
N ASN A 32 -16.45 -16.98 14.25
CA ASN A 32 -16.49 -17.06 15.72
C ASN A 32 -15.14 -17.42 16.35
N ASP A 33 -14.38 -18.28 15.67
CA ASP A 33 -13.08 -18.71 16.16
C ASP A 33 -11.94 -17.76 15.77
N PHE A 34 -12.07 -17.06 14.63
CA PHE A 34 -11.16 -15.95 14.32
C PHE A 34 -11.26 -14.87 15.37
N ARG A 35 -12.48 -14.37 15.59
CA ARG A 35 -12.73 -13.27 16.53
C ARG A 35 -12.20 -13.57 17.92
N THR A 36 -12.52 -14.75 18.42
CA THR A 36 -12.15 -15.14 19.77
C THR A 36 -10.64 -15.38 19.87
N LYS A 37 -10.09 -16.14 18.92
CA LYS A 37 -8.64 -16.43 18.90
C LYS A 37 -7.76 -15.20 18.61
N MET A 38 -8.24 -14.33 17.71
CA MET A 38 -7.52 -13.07 17.44
C MET A 38 -7.77 -11.99 18.48
N ARG A 39 -8.93 -11.99 19.14
CA ARG A 39 -9.16 -11.09 20.28
C ARG A 39 -8.10 -11.35 21.35
N GLN A 40 -8.01 -12.61 21.79
CA GLN A 40 -7.08 -13.01 22.84
C GLN A 40 -5.60 -12.78 22.45
N PHE A 41 -5.29 -12.86 21.16
CA PHE A 41 -3.94 -12.54 20.66
C PHE A 41 -3.63 -11.05 20.70
N CYS A 42 -4.58 -10.22 20.28
CA CYS A 42 -4.44 -8.76 20.30
C CYS A 42 -4.48 -8.18 21.72
N GLU A 43 -5.22 -8.82 22.62
CA GLU A 43 -5.23 -8.44 24.04
C GLU A 43 -3.91 -8.79 24.74
N GLU A 44 -3.25 -9.87 24.30
CA GLU A 44 -1.89 -10.20 24.78
C GLU A 44 -0.87 -9.14 24.38
N ALA A 45 -0.96 -8.65 23.14
CA ALA A 45 -0.13 -7.54 22.68
C ALA A 45 -0.38 -6.28 23.50
N ALA A 46 -1.65 -5.93 23.69
CA ALA A 46 -2.05 -4.74 24.44
C ALA A 46 -1.57 -4.73 25.89
N ALA A 47 -1.45 -5.91 26.51
CA ALA A 47 -0.87 -6.05 27.84
C ALA A 47 0.63 -5.78 27.81
N HIS A 48 1.34 -6.46 26.91
CA HIS A 48 2.77 -6.26 26.68
C HIS A 48 3.10 -4.81 26.35
N ARG A 49 2.21 -4.16 25.60
CA ARG A 49 2.35 -2.75 25.22
C ARG A 49 2.34 -1.79 26.40
N GLN A 50 1.46 -2.03 27.38
CA GLN A 50 1.32 -1.12 28.54
C GLN A 50 2.38 -1.29 29.62
N GLN A 51 3.17 -2.36 29.56
CA GLN A 51 4.30 -2.56 30.46
C GLN A 51 5.68 -2.38 29.78
N LEU A 52 5.69 -1.75 28.61
CA LEU A 52 6.94 -1.35 27.95
C LEU A 52 7.57 -0.18 28.68
N GLY A 53 8.89 -0.04 28.53
CA GLY A 53 9.63 1.13 29.03
C GLY A 53 9.28 2.36 28.22
N TRP A 54 9.68 3.52 28.74
CA TRP A 54 9.30 4.79 28.11
C TRP A 54 9.94 5.00 26.72
N VAL A 55 11.20 4.60 26.55
CA VAL A 55 11.84 4.64 25.23
C VAL A 55 11.20 3.62 24.30
N GLU A 56 11.00 2.39 24.79
CA GLU A 56 10.23 1.36 24.08
C GLU A 56 8.81 1.81 23.67
N TRP A 57 8.18 2.64 24.50
CA TRP A 57 6.87 3.22 24.18
C TRP A 57 6.95 4.25 23.05
N LEU A 58 7.96 5.10 23.08
CA LEU A 58 8.23 6.01 21.94
C LEU A 58 8.44 5.19 20.66
N GLN A 59 9.13 4.04 20.77
CA GLN A 59 9.27 3.10 19.65
C GLN A 59 7.94 2.53 19.16
N TYR A 60 6.98 2.32 20.07
CA TYR A 60 5.61 1.97 19.67
C TYR A 60 4.96 3.15 18.98
N SER A 61 4.85 4.26 19.70
CA SER A 61 3.96 5.34 19.32
C SER A 61 4.51 6.20 18.19
N PHE A 62 5.75 6.65 18.33
CA PHE A 62 6.41 7.53 17.37
C PHE A 62 7.68 6.84 16.87
N PRO A 63 7.53 5.84 15.99
CA PRO A 63 8.72 5.18 15.47
C PRO A 63 9.54 6.13 14.62
N LEU A 64 10.87 5.97 14.69
CA LEU A 64 11.81 6.91 14.10
C LEU A 64 11.66 7.11 12.59
N GLN A 65 11.63 8.36 12.16
CA GLN A 65 11.65 8.71 10.74
C GLN A 65 13.10 9.02 10.37
N LEU A 66 13.83 7.98 9.99
CA LEU A 66 15.24 8.09 9.60
C LEU A 66 15.39 8.17 8.09
N GLU A 67 16.47 8.81 7.66
CA GLU A 67 16.87 8.80 6.25
C GLU A 67 17.35 7.40 5.85
N PRO A 68 17.14 7.00 4.58
CA PRO A 68 17.67 5.75 4.03
C PRO A 68 19.16 5.51 4.27
N ASN A 82 30.43 17.80 11.43
CA ASN A 82 30.49 17.92 9.97
C ASN A 82 30.17 19.34 9.54
N ARG A 83 28.97 19.83 9.88
CA ARG A 83 28.50 21.15 9.43
C ARG A 83 27.46 21.72 10.40
N ALA A 84 27.46 23.05 10.54
CA ALA A 84 26.67 23.74 11.56
C ALA A 84 25.19 23.92 11.19
N LEU A 85 24.34 23.96 12.21
CA LEU A 85 22.94 24.37 12.05
C LEU A 85 22.36 24.91 13.36
N LEU A 86 21.45 25.88 13.23
CA LEU A 86 20.71 26.39 14.37
C LEU A 86 19.57 25.43 14.71
N VAL A 87 19.52 24.98 15.96
CA VAL A 87 18.39 24.22 16.49
C VAL A 87 17.78 25.06 17.60
N ASN A 88 16.46 25.21 17.60
CA ASN A 88 15.75 25.87 18.69
C ASN A 88 15.12 24.79 19.57
N VAL A 89 15.45 24.81 20.86
CA VAL A 89 14.95 23.82 21.82
C VAL A 89 14.16 24.54 22.90
N LYS A 90 13.12 23.88 23.39
CA LYS A 90 12.34 24.34 24.55
C LYS A 90 12.02 23.16 25.46
N PHE A 91 11.46 23.44 26.63
CA PHE A 91 10.98 22.40 27.56
C PHE A 91 9.47 22.48 27.62
N GLU A 92 8.83 21.34 27.89
CA GLU A 92 7.38 21.16 27.69
C GLU A 92 6.49 22.22 28.35
N GLY A 93 6.80 22.58 29.60
CA GLY A 93 6.03 23.58 30.36
C GLY A 93 6.61 24.98 30.29
N SER A 94 6.76 25.50 29.06
CA SER A 94 7.42 26.80 28.83
C SER A 94 7.29 27.26 27.37
N GLU A 95 7.18 28.57 27.16
CA GLU A 95 7.37 29.19 25.83
C GLU A 95 8.81 29.70 25.69
N GLU A 96 9.39 30.13 26.81
CA GLU A 96 10.81 30.51 26.88
C GLU A 96 11.66 29.37 26.29
N SER A 97 12.43 29.71 25.26
CA SER A 97 13.19 28.74 24.48
C SER A 97 14.59 29.25 24.19
N PHE A 98 15.48 28.33 23.80
CA PHE A 98 16.88 28.64 23.51
C PHE A 98 17.20 28.23 22.07
N THR A 99 18.20 28.87 21.48
CA THR A 99 18.75 28.47 20.18
C THR A 99 20.19 28.02 20.42
N PHE A 100 20.64 27.05 19.61
CA PHE A 100 21.93 26.38 19.81
C PHE A 100 22.65 26.19 18.48
N GLN A 101 23.93 26.55 18.43
CA GLN A 101 24.79 26.09 17.34
C GLN A 101 25.20 24.65 17.66
N VAL A 102 24.82 23.72 16.78
CA VAL A 102 25.25 22.32 16.88
C VAL A 102 25.69 21.82 15.52
N SER A 103 26.42 20.71 15.52
CA SER A 103 26.85 20.05 14.28
C SER A 103 25.76 19.07 13.84
N THR A 104 25.74 18.79 12.54
CA THR A 104 24.85 17.79 11.98
C THR A 104 25.21 16.36 12.39
N LYS A 105 26.48 16.11 12.75
CA LYS A 105 26.91 14.76 13.16
C LYS A 105 26.67 14.42 14.64
N ASP A 106 26.28 15.40 15.46
CA ASP A 106 26.08 15.18 16.91
C ASP A 106 24.83 14.33 17.18
N MET A 107 24.84 13.61 18.31
CA MET A 107 23.68 12.79 18.73
C MET A 107 22.60 13.70 19.31
N PRO A 108 21.37 13.17 19.48
CA PRO A 108 20.37 13.89 20.28
C PRO A 108 20.80 14.11 21.73
N LEU A 109 21.52 13.14 22.31
CA LEU A 109 22.04 13.25 23.69
C LEU A 109 22.90 14.49 23.91
N ALA A 110 23.78 14.80 22.95
CA ALA A 110 24.63 15.98 23.00
C ALA A 110 23.79 17.24 23.02
N LEU A 111 22.79 17.28 22.15
CA LEU A 111 21.88 18.40 22.04
C LEU A 111 21.01 18.55 23.30
N MET A 112 20.53 17.43 23.84
CA MET A 112 19.71 17.44 25.04
C MET A 112 20.47 17.93 26.28
N ALA A 113 21.77 17.63 26.35
CA ALA A 113 22.62 18.09 27.45
C ALA A 113 22.89 19.60 27.35
N CYS A 114 23.14 20.08 26.14
CA CYS A 114 23.18 21.52 25.83
C CYS A 114 21.97 22.28 26.38
N ALA A 115 20.78 21.74 26.12
CA ALA A 115 19.51 22.30 26.58
C ALA A 115 19.45 22.40 28.10
N LEU A 116 19.86 21.32 28.78
CA LEU A 116 19.83 21.26 30.25
C LEU A 116 20.83 22.19 30.95
N ARG A 117 21.97 22.44 30.30
CA ARG A 117 22.98 23.37 30.83
C ARG A 117 22.51 24.83 30.71
N LYS A 118 21.87 25.17 29.60
CA LYS A 118 21.24 26.50 29.45
C LYS A 118 20.06 26.73 30.40
N LYS A 119 19.37 25.66 30.82
CA LYS A 119 18.29 25.76 31.80
C LYS A 119 18.81 25.86 33.23
N ALA A 120 19.88 25.12 33.54
CA ALA A 120 20.52 25.15 34.86
C ALA A 120 21.29 26.46 35.17
N THR A 121 21.54 27.29 34.15
CA THR A 121 22.07 28.64 34.34
C THR A 121 20.95 29.68 34.47
N VAL A 122 19.92 29.58 33.62
CA VAL A 122 18.77 30.50 33.68
C VAL A 122 17.94 30.29 34.96
N PHE A 123 17.81 29.03 35.39
CA PHE A 123 17.11 28.68 36.65
C PHE A 123 18.05 28.50 37.86
N ARG A 124 19.36 28.62 37.63
CA ARG A 124 20.37 28.56 38.70
C ARG A 124 20.37 27.24 39.49
N GLN A 125 20.05 26.13 38.79
CA GLN A 125 19.99 24.78 39.37
C GLN A 125 19.03 24.70 40.56
N GLN A 130 19.65 15.22 34.13
CA GLN A 130 20.32 14.14 33.41
C GLN A 130 19.73 14.01 31.99
N PRO A 131 20.59 14.09 30.94
CA PRO A 131 20.09 13.99 29.55
C PRO A 131 19.43 12.66 29.17
N GLU A 132 19.87 11.56 29.79
CA GLU A 132 19.31 10.22 29.51
C GLU A 132 17.78 10.09 29.72
N GLU A 133 17.17 10.97 30.51
CA GLU A 133 15.75 10.88 30.84
C GLU A 133 14.81 11.73 29.96
N TYR A 134 15.29 12.12 28.78
CA TYR A 134 14.54 13.01 27.88
C TYR A 134 14.44 12.48 26.46
N ALA A 135 13.43 12.98 25.76
CA ALA A 135 13.31 12.78 24.32
C ALA A 135 12.95 14.12 23.69
N LEU A 136 13.53 14.39 22.53
CA LEU A 136 13.18 15.59 21.77
C LEU A 136 11.94 15.32 20.94
N GLN A 137 10.87 16.06 21.20
CA GLN A 137 9.67 16.07 20.37
C GLN A 137 9.84 17.14 19.30
N VAL A 138 9.46 16.83 18.07
CA VAL A 138 9.35 17.84 17.00
C VAL A 138 8.11 18.69 17.32
N ASN A 139 8.27 20.01 17.33
CA ASN A 139 7.26 20.90 17.91
C ASN A 139 5.91 20.79 17.23
N GLY A 140 4.88 20.55 18.03
CA GLY A 140 3.50 20.40 17.55
C GLY A 140 3.24 19.22 16.62
N ARG A 141 4.06 18.17 16.76
CA ARG A 141 3.93 16.94 15.96
C ARG A 141 4.17 15.71 16.83
N HIS A 142 3.68 14.57 16.38
CA HIS A 142 3.98 13.28 17.02
C HIS A 142 5.21 12.63 16.34
N GLU A 143 6.33 13.36 16.37
CA GLU A 143 7.62 12.85 15.90
C GLU A 143 8.64 13.16 16.99
N TYR A 144 9.50 12.21 17.28
CA TYR A 144 10.48 12.34 18.36
C TYR A 144 11.86 11.93 17.86
N LEU A 145 12.88 12.63 18.34
CA LEU A 145 14.27 12.38 17.95
C LEU A 145 15.01 11.83 19.17
N TYR A 146 15.50 10.61 19.03
CA TYR A 146 16.18 9.88 20.11
C TYR A 146 16.97 8.73 19.52
N GLY A 147 17.78 8.09 20.37
CA GLY A 147 18.64 6.98 19.96
C GLY A 147 19.94 7.47 19.34
N ASN A 148 20.88 6.55 19.16
CA ASN A 148 22.24 6.87 18.71
C ASN A 148 22.31 7.03 17.19
N TYR A 149 21.77 8.15 16.70
CA TYR A 149 21.82 8.50 15.27
C TYR A 149 22.20 9.98 15.15
N PRO A 150 23.08 10.34 14.21
CA PRO A 150 23.39 11.77 14.01
C PRO A 150 22.16 12.59 13.59
N LEU A 151 22.16 13.89 13.89
CA LEU A 151 20.99 14.72 13.62
C LEU A 151 20.54 14.67 12.17
N CYS A 152 21.48 14.74 11.23
CA CYS A 152 21.15 14.70 9.79
C CYS A 152 20.63 13.35 9.30
N HIS A 153 20.74 12.30 10.11
CA HIS A 153 20.10 11.02 9.80
C HIS A 153 18.61 10.96 10.23
N PHE A 154 18.08 12.03 10.83
CA PHE A 154 16.63 12.16 11.11
C PHE A 154 15.96 12.91 9.96
N GLN A 155 14.81 12.40 9.52
CA GLN A 155 14.10 12.99 8.38
C GLN A 155 13.66 14.43 8.60
N TYR A 156 13.38 14.79 9.85
CA TYR A 156 13.00 16.15 10.19
C TYR A 156 14.16 17.13 10.04
N ILE A 157 15.34 16.73 10.52
CA ILE A 157 16.54 17.56 10.39
C ILE A 157 16.94 17.65 8.92
N CYS A 158 16.91 16.52 8.22
CA CYS A 158 17.24 16.49 6.79
C CYS A 158 16.30 17.30 5.94
N SER A 159 15.00 17.22 6.23
CA SER A 159 14.00 18.07 5.58
C SER A 159 14.30 19.55 5.84
N CYS A 160 14.48 19.88 7.12
CA CYS A 160 14.82 21.24 7.57
C CYS A 160 16.05 21.85 6.88
N LEU A 161 17.10 21.04 6.70
CA LEU A 161 18.34 21.50 6.04
C LEU A 161 18.14 21.87 4.57
N HIS A 162 17.37 21.06 3.83
CA HIS A 162 17.09 21.34 2.42
C HIS A 162 16.17 22.55 2.24
N SER A 163 15.06 22.57 2.99
CA SER A 163 14.11 23.70 2.96
C SER A 163 14.66 24.97 3.63
N GLY A 164 15.66 24.82 4.51
CA GLY A 164 16.39 25.94 5.11
C GLY A 164 15.88 26.50 6.44
N LEU A 165 14.93 25.82 7.08
CA LEU A 165 14.34 26.30 8.34
C LEU A 165 15.14 25.77 9.54
N THR A 166 15.14 26.53 10.63
CA THR A 166 15.70 26.07 11.92
C THR A 166 14.80 24.99 12.51
N PRO A 167 15.36 23.82 12.90
CA PRO A 167 14.58 22.86 13.69
C PRO A 167 13.93 23.44 14.95
N HIS A 168 12.75 22.93 15.31
CA HIS A 168 12.08 23.32 16.54
C HIS A 168 11.71 22.07 17.32
N LEU A 169 12.48 21.80 18.38
CA LEU A 169 12.33 20.58 19.19
C LEU A 169 11.92 20.94 20.60
N THR A 170 11.46 19.94 21.34
CA THR A 170 10.97 20.13 22.71
C THR A 170 11.41 18.98 23.61
N MET A 171 12.05 19.32 24.73
CA MET A 171 12.52 18.34 25.69
C MET A 171 11.34 17.78 26.48
N VAL A 172 11.00 16.52 26.21
CA VAL A 172 9.93 15.82 26.91
C VAL A 172 10.56 14.82 27.88
N HIS A 173 10.21 14.92 29.16
CA HIS A 173 10.74 14.04 30.19
C HIS A 173 10.02 12.69 30.18
N SER A 174 10.72 11.65 30.61
CA SER A 174 10.21 10.28 30.61
C SER A 174 8.92 10.09 31.41
N SER A 175 8.80 10.79 32.54
CA SER A 175 7.56 10.81 33.34
C SER A 175 6.32 11.32 32.56
N SER A 176 6.55 12.27 31.66
CA SER A 176 5.51 12.80 30.77
C SER A 176 5.18 11.87 29.60
N ILE A 177 6.18 11.12 29.13
CA ILE A 177 6.00 10.10 28.10
C ILE A 177 5.32 8.86 28.68
N LEU A 178 5.69 8.47 29.91
CA LEU A 178 4.97 7.40 30.64
C LEU A 178 3.53 7.80 30.97
N ALA A 179 3.29 9.10 31.19
CA ALA A 179 1.94 9.62 31.35
C ALA A 179 1.07 9.38 30.12
N MET A 180 1.67 9.50 28.93
CA MET A 180 0.98 9.16 27.68
C MET A 180 0.67 7.68 27.62
N ARG A 181 1.64 6.82 27.94
CA ARG A 181 1.44 5.37 27.91
C ARG A 181 0.33 4.95 28.86
N ASP A 182 0.39 5.45 30.10
CA ASP A 182 -0.64 5.18 31.11
C ASP A 182 -2.04 5.36 30.54
N GLU A 183 -2.32 6.57 30.03
CA GLU A 183 -3.67 6.95 29.61
C GLU A 183 -4.23 6.26 28.33
N GLN A 184 -3.44 5.36 27.71
CA GLN A 184 -3.92 4.53 26.59
C GLN A 184 -4.35 3.10 26.97
N SER A 185 -4.25 2.74 28.26
CA SER A 185 -4.49 1.34 28.71
C SER A 185 -5.93 0.89 28.51
N ASN A 186 -6.09 -0.41 28.28
CA ASN A 186 -7.37 -1.02 27.89
C ASN A 186 -8.23 -1.31 29.13
N LEU A 211 -8.10 -39.06 3.88
CA LEU A 211 -6.64 -39.15 3.92
C LEU A 211 -6.12 -39.92 2.68
N TRP A 212 -5.06 -40.73 2.82
CA TRP A 212 -4.44 -41.41 1.66
C TRP A 212 -5.25 -42.62 1.12
N SER A 213 -6.13 -43.17 1.95
CA SER A 213 -6.93 -44.35 1.61
C SER A 213 -7.78 -44.18 0.35
N LEU A 214 -8.36 -42.99 0.17
CA LEU A 214 -9.38 -42.78 -0.84
C LEU A 214 -8.71 -42.57 -2.19
N GLU A 215 -8.76 -43.60 -3.05
CA GLU A 215 -8.14 -43.56 -4.38
C GLU A 215 -9.13 -43.31 -5.54
N GLN A 216 -10.42 -43.19 -5.24
CA GLN A 216 -11.43 -42.94 -6.31
C GLN A 216 -11.26 -41.56 -6.93
N PRO A 217 -11.82 -41.34 -8.14
CA PRO A 217 -11.77 -39.98 -8.69
C PRO A 217 -12.64 -39.02 -7.88
N PHE A 218 -12.12 -37.82 -7.59
CA PHE A 218 -12.92 -36.79 -6.92
C PHE A 218 -14.08 -36.40 -7.83
N SER A 219 -15.23 -36.18 -7.21
CA SER A 219 -16.46 -35.93 -7.94
C SER A 219 -17.45 -35.12 -7.11
N ILE A 220 -18.50 -34.65 -7.76
CA ILE A 220 -19.56 -33.88 -7.10
C ILE A 220 -20.92 -34.26 -7.67
N GLU A 221 -21.98 -33.71 -7.10
CA GLU A 221 -23.28 -33.65 -7.76
C GLU A 221 -23.62 -32.18 -7.95
N LEU A 222 -23.66 -31.73 -9.19
CA LEU A 222 -24.23 -30.43 -9.55
C LEU A 222 -25.75 -30.55 -9.56
N ILE A 223 -26.42 -30.01 -8.54
CA ILE A 223 -27.88 -30.13 -8.41
C ILE A 223 -28.60 -29.12 -9.32
N GLU A 224 -28.67 -27.86 -8.92
CA GLU A 224 -29.55 -26.88 -9.59
C GLU A 224 -29.10 -25.42 -9.37
N GLY A 225 -29.69 -24.51 -10.15
CA GLY A 225 -29.44 -23.07 -10.02
C GLY A 225 -30.63 -22.32 -9.45
N ARG A 226 -30.46 -21.00 -9.26
CA ARG A 226 -31.59 -20.07 -9.00
C ARG A 226 -31.20 -18.61 -9.33
N LYS A 227 -31.39 -18.23 -10.58
CA LYS A 227 -30.70 -17.08 -11.19
C LYS A 227 -31.55 -16.37 -12.27
N VAL A 228 -30.93 -15.57 -13.15
CA VAL A 228 -31.62 -14.99 -14.34
C VAL A 228 -30.68 -14.87 -15.56
N ASN A 229 -31.23 -15.05 -16.77
CA ASN A 229 -30.44 -15.03 -18.02
C ASN A 229 -31.33 -14.92 -19.28
N ALA A 230 -30.75 -14.40 -20.36
CA ALA A 230 -31.33 -14.47 -21.72
C ALA A 230 -30.91 -15.76 -22.41
N MET A 234 -31.41 -20.09 -25.73
CA MET A 234 -30.06 -20.41 -25.28
C MET A 234 -30.06 -21.46 -24.16
N LYS A 235 -28.87 -21.98 -23.86
CA LYS A 235 -28.69 -23.02 -22.83
C LYS A 235 -27.61 -22.60 -21.81
N LEU A 236 -27.66 -23.21 -20.63
CA LEU A 236 -26.74 -22.90 -19.50
C LEU A 236 -25.69 -23.99 -19.29
N VAL A 237 -24.41 -23.60 -19.35
CA VAL A 237 -23.27 -24.49 -19.13
C VAL A 237 -22.57 -24.10 -17.83
N VAL A 238 -22.29 -25.09 -16.98
CA VAL A 238 -21.54 -24.88 -15.74
C VAL A 238 -20.20 -25.59 -15.83
N GLN A 239 -19.18 -24.86 -16.30
CA GLN A 239 -17.80 -25.34 -16.27
C GLN A 239 -17.22 -25.14 -14.88
N ALA A 240 -16.57 -26.18 -14.35
CA ALA A 240 -15.83 -26.11 -13.11
C ALA A 240 -14.37 -26.53 -13.36
N GLY A 241 -13.58 -26.54 -12.30
CA GLY A 241 -12.18 -26.95 -12.41
C GLY A 241 -11.54 -26.99 -11.05
N LEU A 242 -10.64 -27.95 -10.84
CA LEU A 242 -9.86 -28.02 -9.62
C LEU A 242 -8.55 -27.29 -9.87
N PHE A 243 -8.40 -26.14 -9.21
CA PHE A 243 -7.19 -25.32 -9.28
C PHE A 243 -6.44 -25.39 -7.96
N HIS A 244 -5.11 -25.31 -8.07
CA HIS A 244 -4.23 -25.12 -6.93
C HIS A 244 -3.42 -23.84 -7.20
N GLY A 245 -4.00 -22.69 -6.82
CA GLY A 245 -3.51 -21.40 -7.24
C GLY A 245 -3.96 -21.12 -8.66
N ASN A 246 -3.03 -20.71 -9.51
CA ASN A 246 -3.32 -20.48 -10.94
C ASN A 246 -3.38 -21.80 -11.72
N GLU A 247 -2.56 -22.78 -11.30
CA GLU A 247 -2.43 -24.06 -12.02
C GLU A 247 -3.60 -25.01 -11.76
N MET A 248 -3.96 -25.77 -12.79
CA MET A 248 -5.04 -26.76 -12.72
C MET A 248 -4.49 -28.09 -12.19
N LEU A 249 -5.29 -28.74 -11.34
CA LEU A 249 -5.00 -30.10 -10.89
C LEU A 249 -5.53 -31.15 -11.88
N CYS A 250 -6.33 -30.71 -12.85
CA CYS A 250 -6.84 -31.54 -13.96
C CYS A 250 -7.62 -30.63 -14.91
N LYS A 251 -7.95 -31.12 -16.11
CA LYS A 251 -8.69 -30.28 -17.08
C LYS A 251 -10.10 -29.92 -16.60
N THR A 252 -10.66 -28.89 -17.21
CA THR A 252 -11.92 -28.29 -16.78
C THR A 252 -13.14 -29.01 -17.37
N VAL A 253 -13.75 -29.89 -16.56
CA VAL A 253 -14.91 -30.67 -17.00
C VAL A 253 -16.22 -29.85 -16.96
N SER A 254 -16.87 -29.75 -18.11
CA SER A 254 -18.15 -29.04 -18.24
C SER A 254 -19.34 -29.89 -17.78
N SER A 255 -20.45 -29.21 -17.52
CA SER A 255 -21.73 -29.86 -17.27
C SER A 255 -22.51 -29.95 -18.58
N SER A 256 -23.53 -30.81 -18.57
CA SER A 256 -24.43 -30.97 -19.70
C SER A 256 -25.18 -29.67 -19.98
N GLU A 257 -25.37 -29.34 -21.26
CA GLU A 257 -26.14 -28.16 -21.66
C GLU A 257 -27.63 -28.35 -21.32
N VAL A 258 -28.23 -27.31 -20.78
CA VAL A 258 -29.57 -27.36 -20.16
C VAL A 258 -30.23 -25.99 -20.43
N ASN A 259 -31.54 -25.94 -20.55
CA ASN A 259 -32.14 -24.71 -20.97
C ASN A 259 -32.11 -23.69 -19.88
N VAL A 260 -32.13 -22.42 -20.25
CA VAL A 260 -32.22 -21.35 -19.27
C VAL A 260 -33.45 -21.50 -18.39
N CYS A 261 -33.61 -22.69 -17.86
CA CYS A 261 -34.84 -23.12 -17.27
C CYS A 261 -34.83 -22.85 -15.80
N SER A 262 -35.07 -21.60 -15.46
CA SER A 262 -35.32 -21.16 -14.10
C SER A 262 -34.15 -20.45 -13.47
N GLU A 263 -33.60 -20.81 -12.30
CA GLU A 263 -33.73 -22.05 -11.54
C GLU A 263 -33.57 -23.38 -12.25
N PRO A 264 -32.54 -23.46 -13.08
CA PRO A 264 -32.18 -24.62 -13.89
C PRO A 264 -31.75 -25.82 -13.05
N VAL A 265 -32.08 -27.02 -13.51
CA VAL A 265 -31.79 -28.27 -12.79
C VAL A 265 -30.84 -29.14 -13.61
N TRP A 266 -29.88 -29.77 -12.94
CA TRP A 266 -28.87 -30.63 -13.57
C TRP A 266 -28.84 -32.05 -12.98
N LYS A 267 -28.62 -32.14 -11.67
CA LYS A 267 -28.48 -33.42 -10.94
C LYS A 267 -27.45 -34.41 -11.57
N GLN A 268 -26.38 -33.84 -12.14
CA GLN A 268 -25.32 -34.60 -12.81
C GLN A 268 -24.15 -34.85 -11.88
N ARG A 269 -23.51 -36.02 -12.03
CA ARG A 269 -22.14 -36.19 -11.56
C ARG A 269 -21.25 -35.34 -12.45
N LEU A 270 -20.24 -34.74 -11.82
CA LEU A 270 -19.05 -34.31 -12.54
C LEU A 270 -17.91 -35.09 -11.89
N GLU A 271 -17.16 -35.83 -12.71
CA GLU A 271 -16.06 -36.66 -12.21
C GLU A 271 -14.76 -36.03 -12.70
N PHE A 272 -13.87 -35.73 -11.74
CA PHE A 272 -12.63 -35.01 -12.02
C PHE A 272 -11.46 -35.95 -12.14
N ASP A 273 -10.55 -35.62 -13.04
CA ASP A 273 -9.45 -36.50 -13.44
C ASP A 273 -8.31 -36.44 -12.41
N ILE A 274 -8.61 -36.87 -11.19
CA ILE A 274 -7.68 -36.81 -10.05
C ILE A 274 -8.22 -37.58 -8.84
N SER A 275 -7.34 -38.37 -8.23
CA SER A 275 -7.68 -39.13 -7.03
C SER A 275 -7.81 -38.22 -5.80
N VAL A 276 -8.64 -38.63 -4.85
CA VAL A 276 -8.97 -37.81 -3.67
C VAL A 276 -7.77 -37.70 -2.72
N CYS A 277 -7.00 -38.78 -2.58
CA CYS A 277 -5.74 -38.77 -1.81
C CYS A 277 -4.73 -37.74 -2.33
N ASP A 278 -4.76 -37.45 -3.63
CA ASP A 278 -3.86 -36.48 -4.26
C ASP A 278 -4.32 -35.01 -4.18
N LEU A 279 -5.45 -34.74 -3.50
CA LEU A 279 -5.91 -33.36 -3.33
C LEU A 279 -4.99 -32.64 -2.35
N PRO A 280 -4.39 -31.48 -2.76
CA PRO A 280 -3.59 -30.73 -1.79
C PRO A 280 -4.46 -30.03 -0.74
N ARG A 281 -3.83 -29.60 0.35
CA ARG A 281 -4.53 -28.94 1.46
C ARG A 281 -5.30 -27.71 0.99
N MET A 282 -4.75 -27.00 -0.01
CA MET A 282 -5.38 -25.83 -0.63
C MET A 282 -5.99 -26.16 -2.00
N ALA A 283 -6.64 -27.31 -2.09
CA ALA A 283 -7.43 -27.64 -3.27
C ALA A 283 -8.66 -26.72 -3.28
N ARG A 284 -8.87 -26.05 -4.41
CA ARG A 284 -9.87 -25.02 -4.56
C ARG A 284 -10.76 -25.33 -5.76
N LEU A 285 -12.04 -25.61 -5.48
CA LEU A 285 -13.02 -25.97 -6.53
C LEU A 285 -13.73 -24.73 -7.03
N CYS A 286 -13.63 -24.47 -8.33
CA CYS A 286 -13.99 -23.18 -8.93
C CYS A 286 -15.00 -23.33 -10.06
N PHE A 287 -16.17 -22.71 -9.90
CA PHE A 287 -17.28 -22.81 -10.86
C PHE A 287 -17.43 -21.56 -11.71
N ALA A 288 -18.06 -21.74 -12.87
CA ALA A 288 -18.42 -20.64 -13.76
C ALA A 288 -19.70 -21.02 -14.52
N LEU A 289 -20.79 -20.29 -14.25
CA LEU A 289 -22.06 -20.47 -14.95
C LEU A 289 -22.12 -19.49 -16.11
N TYR A 290 -22.21 -20.00 -17.33
CA TYR A 290 -22.35 -19.17 -18.53
C TYR A 290 -23.36 -19.77 -19.52
N ALA A 291 -23.78 -18.95 -20.48
CA ALA A 291 -24.77 -19.35 -21.49
C ALA A 291 -24.14 -19.47 -22.87
N VAL A 292 -24.83 -20.18 -23.77
CA VAL A 292 -24.29 -20.50 -25.10
C VAL A 292 -25.41 -20.83 -26.10
N VAL A 293 -25.10 -20.76 -27.39
CA VAL A 293 -26.04 -21.14 -28.47
C VAL A 293 -26.03 -22.66 -28.65
N ASP A 310 -19.83 -17.89 -26.08
CA ASP A 310 -19.52 -17.63 -24.67
C ASP A 310 -20.24 -16.36 -24.20
N CYS A 311 -20.91 -16.45 -23.05
CA CYS A 311 -21.67 -15.34 -22.47
C CYS A 311 -21.60 -15.41 -20.93
N PRO A 312 -20.60 -14.73 -20.31
CA PRO A 312 -20.38 -14.90 -18.86
C PRO A 312 -21.49 -14.30 -17.99
N ILE A 313 -21.85 -15.03 -16.93
CA ILE A 313 -22.93 -14.65 -16.03
C ILE A 313 -22.44 -14.61 -14.58
N ALA A 314 -21.93 -15.74 -14.08
CA ALA A 314 -21.46 -15.80 -12.70
C ALA A 314 -20.31 -16.77 -12.48
N TRP A 315 -19.73 -16.70 -11.28
CA TRP A 315 -18.63 -17.57 -10.85
C TRP A 315 -18.68 -17.74 -9.34
N ALA A 316 -18.09 -18.82 -8.84
CA ALA A 316 -18.04 -19.08 -7.40
C ALA A 316 -17.00 -20.11 -7.05
N ASN A 317 -16.23 -19.85 -6.00
CA ASN A 317 -15.21 -20.79 -5.53
C ASN A 317 -15.51 -21.22 -4.11
N LEU A 318 -14.99 -22.38 -3.76
CA LEU A 318 -14.90 -22.81 -2.36
C LEU A 318 -13.71 -23.77 -2.19
N MET A 319 -13.12 -23.72 -1.00
CA MET A 319 -12.05 -24.65 -0.65
C MET A 319 -12.70 -26.01 -0.43
N LEU A 320 -12.09 -27.08 -0.96
CA LEU A 320 -12.60 -28.44 -0.76
C LEU A 320 -12.38 -28.93 0.67
N PHE A 321 -11.36 -28.40 1.35
CA PHE A 321 -11.19 -28.64 2.78
C PHE A 321 -11.66 -27.42 3.56
N ASP A 322 -12.36 -27.66 4.67
CA ASP A 322 -12.82 -26.57 5.54
C ASP A 322 -11.65 -26.07 6.40
N TYR A 323 -11.93 -25.07 7.24
CA TYR A 323 -10.88 -24.40 8.02
C TYR A 323 -10.26 -25.23 9.16
N LYS A 324 -10.92 -26.33 9.54
CA LYS A 324 -10.37 -27.31 10.49
C LYS A 324 -9.63 -28.48 9.82
N ASP A 325 -9.30 -28.33 8.54
CA ASP A 325 -8.63 -29.37 7.72
C ASP A 325 -9.53 -30.54 7.30
N GLN A 326 -10.83 -30.47 7.60
CA GLN A 326 -11.78 -31.55 7.27
C GLN A 326 -12.13 -31.43 5.79
N LEU A 327 -12.29 -32.57 5.11
CA LEU A 327 -12.82 -32.58 3.75
C LEU A 327 -14.31 -32.26 3.83
N LYS A 328 -14.80 -31.47 2.87
CA LYS A 328 -16.14 -30.92 2.95
C LYS A 328 -17.17 -31.88 2.36
N THR A 329 -18.11 -32.29 3.21
CA THR A 329 -19.33 -33.01 2.79
C THR A 329 -20.50 -32.49 3.64
N GLY A 330 -21.75 -32.47 3.15
CA GLY A 330 -22.19 -33.02 1.86
C GLY A 330 -22.74 -31.94 0.93
N GLU A 331 -23.86 -31.33 1.30
CA GLU A 331 -24.53 -30.33 0.45
C GLU A 331 -24.02 -28.92 0.70
N ARG A 332 -23.94 -28.13 -0.37
CA ARG A 332 -23.44 -26.75 -0.35
C ARG A 332 -24.26 -25.85 -1.27
N CYS A 333 -24.74 -24.70 -0.77
CA CYS A 333 -25.32 -23.66 -1.63
C CYS A 333 -24.32 -22.54 -1.87
N LEU A 334 -23.80 -22.45 -3.10
CA LEU A 334 -22.81 -21.45 -3.48
C LEU A 334 -23.51 -20.21 -4.06
N TYR A 335 -23.46 -19.10 -3.32
CA TYR A 335 -24.03 -17.84 -3.79
C TYR A 335 -22.99 -17.11 -4.64
N MET A 336 -23.24 -17.02 -5.94
CA MET A 336 -22.23 -16.62 -6.91
C MET A 336 -22.11 -15.11 -7.13
N TRP A 337 -21.01 -14.73 -7.77
CA TRP A 337 -20.68 -13.33 -8.09
C TRP A 337 -20.82 -13.10 -9.59
N PRO A 338 -21.23 -11.89 -10.01
CA PRO A 338 -21.30 -11.58 -11.44
C PRO A 338 -19.92 -11.50 -12.14
N SER A 339 -19.93 -11.46 -13.47
CA SER A 339 -18.73 -11.59 -14.31
C SER A 339 -18.44 -10.36 -15.20
N VAL A 340 -17.22 -10.32 -15.74
CA VAL A 340 -16.71 -9.21 -16.56
C VAL A 340 -17.64 -8.84 -17.73
N LEU A 347 -13.43 -17.21 -18.27
CA LEU A 347 -14.69 -17.44 -17.57
C LEU A 347 -14.45 -18.00 -16.17
N LEU A 348 -13.60 -19.02 -16.08
CA LEU A 348 -13.29 -19.69 -14.80
C LEU A 348 -12.26 -18.83 -14.03
N ASN A 349 -12.47 -18.67 -12.73
CA ASN A 349 -11.80 -17.61 -11.94
C ASN A 349 -11.13 -18.13 -10.64
N PRO A 350 -9.92 -18.70 -10.74
CA PRO A 350 -9.26 -19.36 -9.59
C PRO A 350 -8.93 -18.46 -8.40
N ALA A 351 -8.38 -17.28 -8.68
CA ALA A 351 -7.96 -16.33 -7.64
C ALA A 351 -9.12 -15.55 -6.99
N GLY A 352 -10.32 -15.61 -7.58
CA GLY A 352 -11.51 -15.06 -6.93
C GLY A 352 -11.74 -15.68 -5.55
N THR A 353 -12.28 -14.87 -4.64
CA THR A 353 -12.54 -15.30 -3.24
C THR A 353 -13.37 -16.59 -3.12
N VAL A 354 -13.08 -17.33 -2.04
CA VAL A 354 -13.72 -18.61 -1.74
C VAL A 354 -14.90 -18.49 -0.75
N ARG A 355 -15.36 -17.26 -0.52
CA ARG A 355 -16.56 -16.99 0.27
C ARG A 355 -17.66 -16.52 -0.68
N GLY A 356 -18.90 -16.82 -0.31
CA GLY A 356 -20.05 -16.55 -1.17
C GLY A 356 -20.43 -15.09 -1.19
N ASN A 357 -21.19 -14.72 -2.22
CA ASN A 357 -21.80 -13.39 -2.33
C ASN A 357 -22.78 -13.18 -1.16
N PRO A 358 -22.51 -12.18 -0.29
CA PRO A 358 -23.41 -11.93 0.84
C PRO A 358 -24.76 -11.31 0.44
N ASN A 359 -24.87 -10.77 -0.79
CA ASN A 359 -26.15 -10.35 -1.35
C ASN A 359 -27.00 -11.57 -1.70
N THR A 360 -27.52 -12.24 -0.67
CA THR A 360 -28.23 -13.52 -0.83
C THR A 360 -29.59 -13.39 -1.55
N GLU A 361 -30.16 -12.18 -1.56
CA GLU A 361 -31.47 -11.93 -2.18
C GLU A 361 -31.43 -12.03 -3.70
N SER A 362 -30.58 -11.22 -4.32
CA SER A 362 -30.48 -11.14 -5.78
C SER A 362 -29.14 -11.68 -6.28
N ALA A 363 -28.74 -12.85 -5.77
CA ALA A 363 -27.53 -13.54 -6.22
C ALA A 363 -27.90 -14.85 -6.88
N ALA A 364 -27.35 -15.06 -8.09
CA ALA A 364 -27.40 -16.35 -8.75
C ALA A 364 -26.70 -17.37 -7.84
N ALA A 365 -27.38 -18.49 -7.56
CA ALA A 365 -26.87 -19.47 -6.61
C ALA A 365 -26.94 -20.91 -7.14
N LEU A 366 -25.76 -21.55 -7.24
CA LEU A 366 -25.65 -23.00 -7.45
C LEU A 366 -25.75 -23.73 -6.12
N VAL A 367 -26.42 -24.89 -6.13
CA VAL A 367 -26.32 -25.86 -5.04
C VAL A 367 -25.61 -27.08 -5.60
N ILE A 368 -24.72 -27.67 -4.79
CA ILE A 368 -23.99 -28.88 -5.17
C ILE A 368 -23.81 -29.83 -3.97
N TYR A 369 -23.48 -31.07 -4.27
CA TYR A 369 -23.19 -32.09 -3.24
C TYR A 369 -21.74 -32.55 -3.40
N LEU A 370 -21.02 -32.62 -2.28
CA LEU A 370 -19.68 -33.19 -2.21
C LEU A 370 -19.78 -34.53 -1.46
N PRO A 371 -19.75 -35.67 -2.19
CA PRO A 371 -20.01 -37.01 -1.67
C PRO A 371 -19.38 -37.36 -0.32
N GLU A 372 -20.17 -37.98 0.57
CA GLU A 372 -19.67 -38.53 1.82
C GLU A 372 -18.79 -39.73 1.52
N VAL A 373 -17.77 -39.93 2.34
CA VAL A 373 -16.82 -41.02 2.17
C VAL A 373 -16.42 -41.60 3.54
N ALA A 374 -17.41 -41.76 4.42
CA ALA A 374 -17.20 -42.18 5.82
C ALA A 374 -16.98 -43.69 5.90
N PRO A 377 -15.81 -38.71 7.75
CA PRO A 377 -14.84 -37.81 8.39
C PRO A 377 -13.39 -38.14 8.02
N VAL A 378 -12.82 -37.34 7.10
CA VAL A 378 -11.41 -37.47 6.72
C VAL A 378 -10.72 -36.10 6.72
N TYR A 379 -9.88 -35.87 7.73
CA TYR A 379 -9.09 -34.64 7.84
C TYR A 379 -7.87 -34.71 6.94
N PHE A 380 -7.23 -33.55 6.73
CA PHE A 380 -5.97 -33.52 6.00
C PHE A 380 -4.92 -34.11 6.93
N PRO A 381 -3.92 -34.83 6.38
CA PRO A 381 -2.89 -35.40 7.25
C PRO A 381 -2.10 -34.37 8.04
N ALA A 382 -1.86 -34.63 9.33
CA ALA A 382 -1.03 -33.78 10.16
C ALA A 382 0.40 -33.75 9.63
N LEU A 383 1.13 -32.67 9.94
CA LEU A 383 2.48 -32.44 9.38
C LEU A 383 3.43 -33.61 9.65
N GLU A 384 3.46 -34.08 10.90
CA GLU A 384 4.17 -35.32 11.30
C GLU A 384 3.97 -36.50 10.35
N LYS A 385 2.73 -36.73 9.89
CA LYS A 385 2.44 -37.77 8.89
C LYS A 385 3.04 -37.43 7.53
N ILE A 386 3.04 -36.15 7.17
CA ILE A 386 3.54 -35.70 5.87
C ILE A 386 5.08 -35.78 5.82
N LEU A 387 5.74 -35.34 6.88
CA LEU A 387 7.21 -35.42 6.98
C LEU A 387 7.73 -36.86 6.97
N GLU A 388 7.01 -37.76 7.63
CA GLU A 388 7.35 -39.19 7.63
C GLU A 388 7.39 -39.71 6.20
N LEU A 389 6.28 -39.51 5.47
CA LEU A 389 6.19 -39.94 4.07
C LEU A 389 7.25 -39.26 3.20
N LEU A 405 24.57 -27.84 -16.76
CA LEU A 405 23.19 -28.01 -17.24
C LEU A 405 22.17 -27.79 -16.12
N ARG A 406 22.53 -28.13 -14.89
CA ARG A 406 21.65 -27.93 -13.74
C ARG A 406 21.54 -26.45 -13.34
N GLU A 407 22.68 -25.78 -13.21
CA GLU A 407 22.72 -24.35 -12.89
C GLU A 407 22.31 -23.45 -14.05
N ILE A 408 22.71 -23.80 -15.27
CA ILE A 408 22.52 -22.93 -16.47
C ILE A 408 21.06 -22.50 -16.72
N LEU A 409 20.11 -23.40 -16.42
CA LEU A 409 18.68 -23.11 -16.53
C LEU A 409 18.15 -22.30 -15.34
N GLU A 410 18.68 -22.57 -14.15
CA GLU A 410 18.17 -21.99 -12.90
C GLU A 410 18.57 -20.51 -12.70
N ARG A 411 18.05 -19.64 -13.59
CA ARG A 411 18.17 -18.18 -13.46
C ARG A 411 17.31 -17.47 -14.51
N GLU A 416 9.34 -20.04 -16.75
CA GLU A 416 9.03 -20.77 -17.97
C GLU A 416 10.20 -21.67 -18.36
N LEU A 417 10.01 -22.98 -18.20
CA LEU A 417 11.01 -23.98 -18.59
C LEU A 417 10.32 -25.21 -19.15
N TYR A 418 11.09 -26.08 -19.80
CA TYR A 418 10.54 -27.23 -20.53
C TYR A 418 10.41 -28.44 -19.61
N GLU A 419 9.67 -29.44 -20.09
CA GLU A 419 9.34 -30.61 -19.28
C GLU A 419 10.59 -31.34 -18.75
N HIS A 420 11.55 -31.61 -19.64
CA HIS A 420 12.82 -32.24 -19.22
C HIS A 420 13.59 -31.39 -18.20
N GLU A 421 13.59 -30.08 -18.40
CA GLU A 421 14.23 -29.15 -17.46
C GLU A 421 13.52 -29.13 -16.11
N LYS A 422 12.19 -29.14 -16.13
CA LYS A 422 11.38 -29.27 -14.90
C LYS A 422 11.71 -30.56 -14.15
N ASP A 423 11.82 -31.66 -14.89
CA ASP A 423 12.10 -32.96 -14.29
C ASP A 423 13.53 -33.08 -13.77
N LEU A 424 14.48 -32.38 -14.40
CA LEU A 424 15.86 -32.31 -13.91
C LEU A 424 15.94 -31.46 -12.63
N VAL A 425 15.15 -30.38 -12.59
CA VAL A 425 15.01 -29.54 -11.39
C VAL A 425 14.38 -30.32 -10.22
N TRP A 426 13.42 -31.19 -10.53
CA TRP A 426 12.78 -32.04 -9.51
C TRP A 426 13.69 -33.19 -9.03
N LYS A 427 14.37 -33.84 -9.97
CA LYS A 427 15.37 -34.91 -9.67
C LYS A 427 16.39 -34.48 -8.61
N MET A 428 16.93 -33.28 -8.77
CA MET A 428 18.00 -32.75 -7.91
C MET A 428 17.50 -31.86 -6.76
N ARG A 429 16.21 -31.99 -6.42
CA ARG A 429 15.55 -31.18 -5.38
C ARG A 429 16.29 -31.06 -4.02
N HIS A 430 17.00 -32.11 -3.63
CA HIS A 430 17.80 -32.09 -2.40
C HIS A 430 19.00 -31.16 -2.53
N GLU A 431 19.60 -31.10 -3.72
CA GLU A 431 20.73 -30.21 -3.97
C GLU A 431 20.33 -28.77 -4.29
N VAL A 432 19.04 -28.52 -4.50
CA VAL A 432 18.50 -27.16 -4.54
C VAL A 432 18.47 -26.63 -3.11
N GLN A 433 17.91 -27.42 -2.20
CA GLN A 433 17.94 -27.11 -0.76
C GLN A 433 19.36 -26.88 -0.22
N GLU A 434 20.32 -27.68 -0.70
CA GLU A 434 21.70 -27.61 -0.18
C GLU A 434 22.58 -26.52 -0.81
N HIS A 435 22.47 -26.29 -2.12
CA HIS A 435 23.33 -25.31 -2.84
C HIS A 435 22.64 -24.04 -3.38
N PHE A 436 21.31 -24.06 -3.58
CA PHE A 436 20.59 -22.95 -4.20
C PHE A 436 19.26 -22.68 -3.52
N PRO A 437 19.27 -22.42 -2.20
CA PRO A 437 18.02 -22.26 -1.45
C PRO A 437 17.13 -21.09 -1.92
N GLU A 438 17.74 -20.07 -2.53
CA GLU A 438 17.01 -18.97 -3.16
C GLU A 438 16.16 -19.37 -4.38
N ALA A 439 16.41 -20.57 -4.92
CA ALA A 439 15.61 -21.12 -6.04
C ALA A 439 14.38 -21.93 -5.58
N LEU A 440 14.06 -21.91 -4.29
CA LEU A 440 12.84 -22.54 -3.77
C LEU A 440 11.60 -22.31 -4.63
N ALA A 441 11.37 -21.06 -5.04
CA ALA A 441 10.21 -20.71 -5.87
C ALA A 441 10.13 -21.54 -7.15
N ARG A 442 11.26 -21.65 -7.85
CA ARG A 442 11.30 -22.35 -9.15
C ARG A 442 11.10 -23.86 -8.95
N LEU A 443 11.67 -24.40 -7.87
CA LEU A 443 11.41 -25.77 -7.43
C LEU A 443 9.92 -25.97 -7.10
N LEU A 444 9.32 -25.02 -6.37
CA LEU A 444 7.87 -25.08 -6.04
C LEU A 444 6.94 -25.04 -7.26
N LEU A 445 7.40 -24.44 -8.35
CA LEU A 445 6.64 -24.39 -9.62
C LEU A 445 6.89 -25.58 -10.56
N VAL A 446 7.75 -26.52 -10.16
CA VAL A 446 7.90 -27.81 -10.86
C VAL A 446 7.33 -29.02 -10.10
N THR A 447 7.19 -28.96 -8.78
CA THR A 447 6.50 -30.02 -8.03
C THR A 447 5.06 -30.23 -8.49
N LYS A 448 4.67 -31.50 -8.59
CA LYS A 448 3.34 -31.87 -9.03
C LYS A 448 2.44 -31.77 -7.81
N TRP A 449 1.65 -30.69 -7.73
CA TRP A 449 0.75 -30.48 -6.59
C TRP A 449 -0.50 -31.36 -6.66
N ASN A 450 -0.77 -31.92 -7.84
CA ASN A 450 -1.86 -32.91 -8.05
C ASN A 450 -1.43 -34.38 -7.82
N LYS A 451 -0.26 -34.60 -7.22
CA LYS A 451 0.22 -35.92 -6.79
C LYS A 451 0.81 -35.80 -5.38
N HIS A 452 0.26 -36.56 -4.45
CA HIS A 452 0.50 -36.37 -3.00
C HIS A 452 1.89 -36.77 -2.48
N GLU A 453 2.50 -37.81 -3.06
CA GLU A 453 3.88 -38.19 -2.67
C GLU A 453 4.87 -37.05 -2.94
N ASP A 454 4.72 -36.40 -4.09
CA ASP A 454 5.56 -35.23 -4.47
C ASP A 454 5.42 -34.03 -3.51
N VAL A 455 4.19 -33.81 -3.03
CA VAL A 455 3.92 -32.73 -2.08
C VAL A 455 4.66 -32.99 -0.76
N ALA A 456 4.61 -34.23 -0.26
CA ALA A 456 5.35 -34.63 0.94
C ALA A 456 6.86 -34.55 0.72
N GLN A 457 7.33 -35.05 -0.42
CA GLN A 457 8.75 -34.93 -0.80
C GLN A 457 9.20 -33.47 -0.90
N MET A 458 8.29 -32.57 -1.29
CA MET A 458 8.55 -31.13 -1.28
C MET A 458 8.48 -30.53 0.12
N LEU A 459 7.33 -30.67 0.78
CA LEU A 459 7.15 -30.19 2.16
C LEU A 459 8.24 -30.70 3.09
N TYR A 460 8.72 -31.93 2.89
CA TYR A 460 9.88 -32.46 3.64
C TYR A 460 11.11 -31.58 3.47
N LEU A 461 11.39 -31.18 2.23
CA LEU A 461 12.46 -30.22 1.96
C LEU A 461 12.14 -28.84 2.55
N LEU A 462 10.89 -28.41 2.44
CA LEU A 462 10.45 -27.09 2.91
C LEU A 462 10.59 -26.84 4.43
N CYS A 463 10.36 -27.88 5.23
CA CYS A 463 10.34 -27.71 6.70
C CYS A 463 11.73 -27.67 7.36
N SER A 464 12.78 -28.02 6.60
CA SER A 464 14.17 -27.80 7.01
C SER A 464 14.89 -26.77 6.11
N TRP A 465 14.12 -26.08 5.27
CA TRP A 465 14.68 -25.19 4.25
C TRP A 465 15.10 -23.91 4.96
N PRO A 466 16.33 -23.41 4.70
CA PRO A 466 16.76 -22.20 5.41
C PRO A 466 15.93 -20.96 5.03
N GLU A 467 15.74 -20.06 6.00
CA GLU A 467 15.02 -18.80 5.77
C GLU A 467 15.66 -18.02 4.62
N LEU A 468 14.81 -17.41 3.80
CA LEU A 468 15.27 -16.68 2.62
C LEU A 468 15.30 -15.17 2.85
N PRO A 469 16.01 -14.42 1.99
CA PRO A 469 15.94 -12.96 2.06
C PRO A 469 14.53 -12.42 1.83
N VAL A 470 14.26 -11.25 2.41
CA VAL A 470 12.99 -10.53 2.28
C VAL A 470 12.50 -10.50 0.83
N LEU A 471 13.41 -10.25 -0.11
CA LEU A 471 13.08 -10.22 -1.54
C LEU A 471 12.43 -11.50 -2.00
N SER A 472 13.08 -12.62 -1.68
CA SER A 472 12.61 -13.94 -2.08
C SER A 472 11.27 -14.32 -1.45
N ALA A 473 11.05 -13.88 -0.21
CA ALA A 473 9.82 -14.16 0.51
C ALA A 473 8.60 -13.42 -0.05
N LEU A 474 8.81 -12.22 -0.59
CA LEU A 474 7.72 -11.45 -1.23
C LEU A 474 7.19 -12.15 -2.47
N GLU A 475 8.04 -12.93 -3.12
CA GLU A 475 7.63 -13.79 -4.24
C GLU A 475 6.68 -14.90 -3.77
N LEU A 476 7.05 -15.55 -2.68
CA LEU A 476 6.32 -16.70 -2.13
C LEU A 476 4.92 -16.36 -1.57
N LEU A 477 4.67 -15.08 -1.27
CA LEU A 477 3.33 -14.60 -0.92
C LEU A 477 2.34 -14.58 -2.09
N ASP A 478 2.83 -14.62 -3.33
CA ASP A 478 1.97 -14.55 -4.51
C ASP A 478 1.09 -15.78 -4.62
N PHE A 479 -0.06 -15.62 -5.28
CA PHE A 479 -1.01 -16.72 -5.49
C PHE A 479 -0.41 -17.94 -6.22
N SER A 480 0.61 -17.67 -7.04
CA SER A 480 1.52 -18.70 -7.60
C SER A 480 1.97 -19.80 -6.62
N PHE A 481 2.01 -19.49 -5.32
CA PHE A 481 2.38 -20.45 -4.28
C PHE A 481 1.30 -20.48 -3.20
N PRO A 482 0.18 -21.18 -3.46
CA PRO A 482 -0.97 -21.13 -2.55
C PRO A 482 -0.82 -21.96 -1.27
N ASP A 483 -0.01 -23.03 -1.31
CA ASP A 483 0.14 -23.96 -0.18
C ASP A 483 0.41 -23.26 1.16
N CYS A 484 -0.24 -23.74 2.23
CA CYS A 484 -0.12 -23.12 3.56
C CYS A 484 1.27 -23.22 4.16
N TYR A 485 1.94 -24.35 3.96
CA TYR A 485 3.30 -24.51 4.49
C TYR A 485 4.27 -23.57 3.79
N VAL A 486 4.10 -23.40 2.48
CA VAL A 486 4.86 -22.41 1.71
C VAL A 486 4.49 -21.00 2.17
N GLY A 487 3.19 -20.77 2.40
CA GLY A 487 2.71 -19.48 2.93
C GLY A 487 3.24 -19.15 4.31
N SER A 488 3.13 -20.12 5.22
CA SER A 488 3.69 -20.04 6.57
C SER A 488 5.21 -19.92 6.58
N PHE A 489 5.88 -20.56 5.62
CA PHE A 489 7.33 -20.40 5.43
C PHE A 489 7.70 -18.97 4.99
N ALA A 490 6.90 -18.40 4.10
CA ALA A 490 7.11 -17.03 3.63
C ALA A 490 7.01 -16.01 4.76
N ILE A 491 5.98 -16.13 5.60
CA ILE A 491 5.81 -15.23 6.77
C ILE A 491 6.98 -15.38 7.73
N LYS A 492 7.51 -16.60 7.85
CA LYS A 492 8.68 -16.89 8.69
C LYS A 492 9.94 -16.19 8.16
N SER A 493 10.12 -16.18 6.85
CA SER A 493 11.24 -15.42 6.22
C SER A 493 11.03 -13.89 6.21
N LEU A 494 9.78 -13.44 6.36
CA LEU A 494 9.45 -12.01 6.42
C LEU A 494 9.44 -11.42 7.83
N ARG A 495 9.58 -12.25 8.88
CA ARG A 495 9.64 -11.71 10.24
C ARG A 495 10.82 -10.76 10.42
N LYS A 496 11.91 -10.98 9.69
CA LYS A 496 13.08 -10.09 9.73
C LYS A 496 12.94 -8.78 8.93
N LEU A 497 11.79 -8.57 8.29
CA LEU A 497 11.43 -7.24 7.77
C LEU A 497 11.56 -6.22 8.90
N THR A 498 12.19 -5.08 8.59
CA THR A 498 12.21 -3.93 9.50
C THR A 498 10.84 -3.23 9.46
N ASP A 499 10.55 -2.43 10.47
CA ASP A 499 9.29 -1.66 10.47
C ASP A 499 9.18 -0.70 9.28
N ASP A 500 10.31 -0.12 8.86
CA ASP A 500 10.33 0.75 7.68
C ASP A 500 10.03 -0.01 6.39
N GLU A 501 10.62 -1.21 6.26
CA GLU A 501 10.35 -2.11 5.13
C GLU A 501 8.91 -2.59 5.12
N LEU A 502 8.43 -3.02 6.28
CA LEU A 502 7.06 -3.46 6.43
C LEU A 502 6.11 -2.34 6.00
N PHE A 503 6.41 -1.12 6.45
CA PHE A 503 5.67 0.07 6.02
C PHE A 503 5.72 0.22 4.49
N GLN A 504 6.93 0.12 3.95
CA GLN A 504 7.16 0.24 2.51
C GLN A 504 6.26 -0.68 1.68
N TYR A 505 6.08 -1.92 2.17
CA TYR A 505 5.33 -2.94 1.44
C TYR A 505 3.92 -3.20 2.00
N LEU A 506 3.49 -2.45 3.01
CA LEU A 506 2.21 -2.73 3.69
C LEU A 506 1.00 -2.75 2.75
N LEU A 507 0.98 -1.87 1.76
CA LEU A 507 -0.07 -1.86 0.74
C LEU A 507 -0.19 -3.20 0.05
N GLN A 508 0.95 -3.74 -0.39
CA GLN A 508 0.98 -5.03 -1.11
C GLN A 508 0.57 -6.20 -0.22
N LEU A 509 1.06 -6.19 1.02
CA LEU A 509 0.75 -7.25 1.97
C LEU A 509 -0.74 -7.28 2.30
N VAL A 510 -1.36 -6.12 2.45
CA VAL A 510 -2.80 -6.06 2.68
C VAL A 510 -3.56 -6.68 1.50
N GLN A 511 -3.14 -6.39 0.28
CA GLN A 511 -3.85 -6.91 -0.90
C GLN A 511 -3.73 -8.44 -1.03
N VAL A 512 -2.62 -9.01 -0.53
CA VAL A 512 -2.44 -10.48 -0.45
C VAL A 512 -3.47 -11.16 0.48
N LEU A 513 -4.01 -10.42 1.45
CA LEU A 513 -5.10 -10.94 2.29
C LEU A 513 -6.33 -11.38 1.49
N LYS A 514 -6.51 -10.79 0.31
CA LYS A 514 -7.60 -11.19 -0.61
C LYS A 514 -7.36 -12.57 -1.25
N TYR A 515 -6.11 -12.89 -1.56
CA TYR A 515 -5.71 -14.22 -2.01
C TYR A 515 -5.86 -15.33 -0.95
N GLU A 516 -5.87 -14.97 0.33
CA GLU A 516 -6.01 -15.93 1.43
C GLU A 516 -7.35 -16.66 1.34
N SER A 517 -7.35 -17.92 1.78
CA SER A 517 -8.52 -18.78 1.68
C SER A 517 -9.34 -18.88 2.97
N TYR A 518 -8.70 -18.69 4.12
CA TYR A 518 -9.33 -18.78 5.45
C TYR A 518 -9.09 -17.49 6.23
N LEU A 519 -9.93 -17.21 7.24
CA LEU A 519 -9.84 -15.96 7.99
C LEU A 519 -8.62 -15.95 8.88
N ASP A 520 -8.44 -16.99 9.68
CA ASP A 520 -7.26 -17.12 10.54
C ASP A 520 -6.09 -17.60 9.70
N CYS A 521 -5.08 -16.75 9.54
CA CYS A 521 -3.91 -17.12 8.75
C CYS A 521 -2.66 -16.42 9.25
N GLU A 522 -1.51 -16.98 8.89
CA GLU A 522 -0.22 -16.47 9.36
C GLU A 522 0.04 -15.01 8.95
N LEU A 523 -0.45 -14.61 7.77
CA LEU A 523 -0.30 -13.22 7.30
C LEU A 523 -1.11 -12.27 8.16
N THR A 524 -2.39 -12.61 8.36
CA THR A 524 -3.27 -11.78 9.17
C THR A 524 -2.62 -11.58 10.53
N LYS A 525 -2.25 -12.69 11.20
CA LYS A 525 -1.61 -12.63 12.53
C LYS A 525 -0.30 -11.84 12.54
N PHE A 526 0.48 -11.95 11.45
CA PHE A 526 1.71 -11.20 11.29
C PHE A 526 1.44 -9.70 11.18
N LEU A 527 0.55 -9.33 10.25
CA LEU A 527 0.15 -7.93 10.08
C LEU A 527 -0.48 -7.33 11.33
N LEU A 528 -1.23 -8.15 12.08
CA LEU A 528 -1.92 -7.70 13.29
C LEU A 528 -0.93 -7.50 14.45
N GLY A 529 -0.04 -8.47 14.61
CA GLY A 529 1.00 -8.40 15.64
C GLY A 529 1.99 -7.27 15.42
N ARG A 530 2.33 -6.98 14.16
CA ARG A 530 3.24 -5.87 13.84
C ARG A 530 2.54 -4.52 13.90
N ALA A 531 1.29 -4.49 13.45
CA ALA A 531 0.41 -3.33 13.64
C ALA A 531 0.25 -2.94 15.11
N LEU A 532 0.08 -3.92 15.97
CA LEU A 532 -0.04 -3.66 17.40
C LEU A 532 1.30 -3.35 18.10
N ALA A 533 2.42 -3.66 17.45
CA ALA A 533 3.76 -3.30 17.97
C ALA A 533 4.28 -1.95 17.45
N ASN A 534 3.67 -1.44 16.37
CA ASN A 534 4.03 -0.13 15.78
C ASN A 534 2.76 0.63 15.38
N ARG A 535 2.51 1.77 16.02
CA ARG A 535 1.25 2.51 15.82
C ARG A 535 1.09 3.14 14.42
N LYS A 536 2.20 3.47 13.76
CA LYS A 536 2.20 3.95 12.37
C LYS A 536 1.79 2.83 11.41
N ILE A 537 2.34 1.64 11.62
CA ILE A 537 1.93 0.45 10.85
C ILE A 537 0.46 0.15 11.17
N GLY A 538 0.13 0.19 12.46
CA GLY A 538 -1.25 0.03 12.92
C GLY A 538 -2.23 1.04 12.34
N HIS A 539 -1.78 2.27 12.17
CA HIS A 539 -2.54 3.33 11.53
C HIS A 539 -2.88 2.98 10.10
N PHE A 540 -1.85 2.67 9.32
CA PHE A 540 -2.02 2.48 7.88
C PHE A 540 -2.69 1.16 7.51
N LEU A 541 -2.43 0.08 8.26
CA LEU A 541 -3.18 -1.16 8.12
C LEU A 541 -4.68 -0.88 8.29
N PHE A 542 -5.05 -0.19 9.37
CA PHE A 542 -6.46 0.15 9.58
C PHE A 542 -7.07 0.76 8.33
N TRP A 543 -6.41 1.79 7.78
CA TRP A 543 -6.98 2.58 6.68
C TRP A 543 -7.02 1.84 5.35
N HIS A 544 -5.97 1.06 5.05
CA HIS A 544 -5.98 0.20 3.87
C HIS A 544 -7.15 -0.78 3.90
N LEU A 545 -7.53 -1.22 5.10
CA LEU A 545 -8.69 -2.09 5.28
C LEU A 545 -9.99 -1.28 5.28
N ARG A 546 -10.10 -0.30 6.17
CA ARG A 546 -11.27 0.58 6.20
C ARG A 546 -11.65 1.19 4.82
N SER A 547 -10.66 1.36 3.96
CA SER A 547 -10.89 1.89 2.62
C SER A 547 -11.60 0.93 1.67
N GLU A 548 -11.70 -0.36 2.05
CA GLU A 548 -12.31 -1.39 1.19
C GLU A 548 -13.59 -2.05 1.73
N MET A 549 -14.16 -1.54 2.82
CA MET A 549 -15.40 -2.13 3.39
C MET A 549 -16.64 -2.03 2.49
N HIS A 550 -16.59 -1.13 1.52
CA HIS A 550 -17.62 -1.02 0.47
C HIS A 550 -17.60 -2.18 -0.55
N VAL A 551 -16.58 -3.04 -0.49
CA VAL A 551 -16.47 -4.21 -1.36
C VAL A 551 -16.94 -5.46 -0.58
N PRO A 552 -18.08 -6.07 -0.98
CA PRO A 552 -18.58 -7.23 -0.21
C PRO A 552 -17.63 -8.42 -0.04
N SER A 553 -16.81 -8.72 -1.05
CA SER A 553 -15.87 -9.86 -1.01
C SER A 553 -14.86 -9.83 0.16
N VAL A 554 -14.37 -8.65 0.49
CA VAL A 554 -13.42 -8.46 1.60
C VAL A 554 -14.01 -7.85 2.87
N ALA A 555 -15.26 -7.38 2.80
CA ALA A 555 -15.92 -6.73 3.93
C ALA A 555 -15.78 -7.52 5.23
N LEU A 556 -16.09 -8.81 5.18
CA LEU A 556 -16.06 -9.65 6.39
C LEU A 556 -14.64 -9.84 6.92
N ARG A 557 -13.74 -10.26 6.03
CA ARG A 557 -12.32 -10.40 6.39
C ARG A 557 -11.80 -9.13 7.05
N PHE A 558 -11.96 -8.01 6.35
CA PHE A 558 -11.34 -6.73 6.74
C PHE A 558 -11.95 -6.17 8.03
N GLY A 559 -13.29 -6.18 8.11
CA GLY A 559 -14.01 -5.80 9.34
C GLY A 559 -13.49 -6.55 10.57
N LEU A 560 -13.39 -7.87 10.46
CA LEU A 560 -12.90 -8.71 11.54
C LEU A 560 -11.46 -8.37 11.95
N ILE A 561 -10.57 -8.16 10.97
CA ILE A 561 -9.20 -7.76 11.28
C ILE A 561 -9.21 -6.42 12.01
N MET A 562 -9.92 -5.45 11.45
CA MET A 562 -10.08 -4.14 12.09
C MET A 562 -10.62 -4.29 13.53
N GLU A 563 -11.64 -5.15 13.70
CA GLU A 563 -12.21 -5.40 15.02
C GLU A 563 -11.17 -5.96 15.98
N ALA A 564 -10.36 -6.90 15.50
CA ALA A 564 -9.29 -7.49 16.31
C ALA A 564 -8.27 -6.45 16.78
N TYR A 565 -7.79 -5.63 15.84
CA TYR A 565 -6.86 -4.51 16.15
C TYR A 565 -7.38 -3.60 17.25
N CYS A 566 -8.65 -3.22 17.12
CA CYS A 566 -9.33 -2.38 18.11
C CYS A 566 -9.42 -3.00 19.50
N ARG A 567 -9.60 -4.32 19.58
CA ARG A 567 -9.53 -5.03 20.87
C ARG A 567 -8.17 -4.79 21.52
N GLY A 568 -7.12 -4.79 20.69
CA GLY A 568 -5.76 -4.55 21.14
C GLY A 568 -5.27 -3.11 21.20
N SER A 569 -6.11 -2.12 20.86
CA SER A 569 -5.75 -0.70 21.07
C SER A 569 -6.96 0.22 21.19
N THR A 570 -7.61 0.16 22.35
CA THR A 570 -8.78 1.00 22.70
C THR A 570 -8.52 2.47 22.39
N HIS A 571 -7.37 2.97 22.80
CA HIS A 571 -7.05 4.39 22.63
C HIS A 571 -6.93 4.78 21.15
N HIS A 572 -6.19 3.98 20.37
CA HIS A 572 -6.02 4.24 18.94
C HIS A 572 -7.32 4.07 18.16
N MET A 573 -8.23 3.24 18.67
CA MET A 573 -9.59 3.17 18.15
C MET A 573 -10.24 4.55 18.23
N LYS A 574 -10.20 5.15 19.43
CA LYS A 574 -10.76 6.49 19.68
C LYS A 574 -10.09 7.58 18.83
N VAL A 575 -8.76 7.47 18.68
CA VAL A 575 -7.99 8.37 17.81
C VAL A 575 -8.48 8.29 16.38
N LEU A 576 -8.73 7.08 15.91
CA LEU A 576 -9.19 6.83 14.54
C LEU A 576 -10.65 7.21 14.33
N MET A 577 -11.49 7.06 15.35
CA MET A 577 -12.89 7.50 15.30
C MET A 577 -12.96 8.99 15.04
N LYS A 578 -12.12 9.73 15.75
CA LYS A 578 -11.96 11.14 15.56
C LYS A 578 -11.62 11.48 14.08
N GLN A 579 -10.70 10.71 13.49
CA GLN A 579 -10.37 10.85 12.05
C GLN A 579 -11.58 10.58 11.18
N GLY A 580 -12.27 9.49 11.44
CA GLY A 580 -13.45 9.09 10.68
C GLY A 580 -14.64 10.03 10.82
N GLU A 581 -14.76 10.67 11.99
CA GLU A 581 -15.75 11.72 12.21
C GLU A 581 -15.42 12.97 11.38
N ALA A 582 -14.14 13.27 11.20
CA ALA A 582 -13.69 14.37 10.34
C ALA A 582 -14.08 14.14 8.89
N LEU A 583 -13.87 12.91 8.44
CA LEU A 583 -14.10 12.53 7.03
C LEU A 583 -15.59 12.39 6.70
N SER A 584 -16.39 12.06 7.72
CA SER A 584 -17.86 12.06 7.58
C SER A 584 -18.35 13.46 7.28
N LYS A 585 -17.86 14.42 8.05
CA LYS A 585 -18.15 15.84 7.82
C LYS A 585 -17.64 16.39 6.49
N LEU A 586 -16.40 16.04 6.11
CA LEU A 586 -15.85 16.43 4.81
C LEU A 586 -16.68 15.88 3.62
N LYS A 587 -17.12 14.63 3.73
CA LYS A 587 -18.04 14.04 2.75
C LYS A 587 -19.31 14.91 2.60
N ALA A 588 -19.90 15.30 3.73
CA ALA A 588 -21.13 16.08 3.72
C ALA A 588 -20.91 17.51 3.23
N LEU A 589 -19.78 18.11 3.62
CA LEU A 589 -19.36 19.42 3.10
C LEU A 589 -19.03 19.37 1.61
N ASN A 590 -18.51 18.25 1.12
CA ASN A 590 -18.14 18.13 -0.29
C ASN A 590 -19.39 17.94 -1.16
N ASP A 591 -20.33 17.12 -0.67
CA ASP A 591 -21.66 17.01 -1.28
C ASP A 591 -22.41 18.34 -1.37
N PHE A 592 -22.22 19.20 -0.38
CA PHE A 592 -22.74 20.55 -0.48
C PHE A 592 -22.09 21.31 -1.65
N VAL A 593 -20.75 21.28 -1.67
CA VAL A 593 -19.95 22.02 -2.64
C VAL A 593 -20.24 21.63 -4.09
N LYS A 594 -20.52 20.35 -4.32
CA LYS A 594 -20.88 19.86 -5.65
C LYS A 594 -22.22 20.42 -6.10
N VAL A 595 -23.23 20.32 -5.25
CA VAL A 595 -24.57 20.84 -5.56
C VAL A 595 -24.49 22.33 -5.82
N SER A 596 -23.84 23.05 -4.90
CA SER A 596 -23.73 24.49 -4.95
C SER A 596 -23.05 24.96 -6.23
N SER A 597 -21.87 24.41 -6.53
CA SER A 597 -21.08 24.76 -7.71
C SER A 597 -21.84 24.68 -9.05
N GLN A 598 -22.78 23.74 -9.13
CA GLN A 598 -23.66 23.59 -10.30
C GLN A 598 -24.78 24.66 -10.41
N LYS A 599 -24.93 25.52 -9.40
CA LYS A 599 -25.99 26.54 -9.35
C LYS A 599 -25.47 27.98 -9.26
N THR A 600 -24.58 28.26 -8.31
CA THR A 600 -24.07 29.62 -8.05
C THR A 600 -22.59 29.80 -8.41
N THR A 601 -22.09 31.04 -8.24
CA THR A 601 -20.71 31.39 -8.58
C THR A 601 -19.69 30.72 -7.65
N LYS A 602 -18.42 30.83 -8.01
CA LYS A 602 -17.32 30.26 -7.21
C LYS A 602 -17.19 30.93 -5.83
N PRO A 603 -17.20 32.29 -5.77
CA PRO A 603 -17.04 32.94 -4.45
C PRO A 603 -18.19 32.71 -3.48
N GLN A 604 -19.42 32.60 -3.99
CA GLN A 604 -20.60 32.40 -3.14
C GLN A 604 -20.70 30.98 -2.58
N THR A 605 -20.28 29.97 -3.36
CA THR A 605 -20.13 28.59 -2.86
C THR A 605 -19.01 28.50 -1.80
N LYS A 606 -17.94 29.26 -2.00
CA LYS A 606 -16.81 29.29 -1.07
C LYS A 606 -17.19 29.96 0.26
N GLU A 607 -17.92 31.06 0.18
CA GLU A 607 -18.49 31.71 1.37
C GLU A 607 -19.47 30.80 2.10
N MET A 608 -20.28 30.05 1.34
CA MET A 608 -21.25 29.12 1.93
C MET A 608 -20.63 27.81 2.46
N MET A 609 -19.48 27.42 1.92
CA MET A 609 -18.66 26.34 2.48
C MET A 609 -18.17 26.74 3.86
N HIS A 610 -17.67 27.97 3.95
CA HIS A 610 -17.08 28.50 5.18
C HIS A 610 -18.08 28.65 6.31
N MET A 611 -19.34 28.97 5.96
CA MET A 611 -20.40 29.06 6.97
C MET A 611 -20.66 27.69 7.56
N CYS A 612 -20.74 26.69 6.69
CA CYS A 612 -20.99 25.31 7.06
C CYS A 612 -19.89 24.76 7.95
N MET A 613 -18.64 25.10 7.62
CA MET A 613 -17.47 24.69 8.40
C MET A 613 -17.43 25.37 9.76
N ARG A 614 -17.89 26.62 9.84
CA ARG A 614 -17.87 27.40 11.09
C ARG A 614 -18.93 26.97 12.12
N GLN A 615 -19.80 26.02 11.77
CA GLN A 615 -20.70 25.41 12.75
C GLN A 615 -19.92 24.62 13.80
N GLU A 616 -20.48 24.52 15.00
CA GLU A 616 -19.84 23.81 16.12
C GLU A 616 -19.46 22.41 15.69
N THR A 617 -20.47 21.67 15.24
CA THR A 617 -20.31 20.28 14.83
C THR A 617 -19.18 20.05 13.82
N TYR A 618 -18.97 21.02 12.93
CA TYR A 618 -17.88 20.95 11.97
C TYR A 618 -16.55 21.41 12.56
N MET A 619 -16.56 22.56 13.23
CA MET A 619 -15.34 23.10 13.84
C MET A 619 -14.75 22.09 14.84
N GLU A 620 -15.63 21.46 15.60
CA GLU A 620 -15.19 20.44 16.55
C GLU A 620 -14.63 19.22 15.81
N ALA A 621 -15.39 18.71 14.85
CA ALA A 621 -15.06 17.47 14.12
C ALA A 621 -13.85 17.60 13.21
N LEU A 622 -13.80 18.67 12.42
CA LEU A 622 -12.68 18.93 11.54
C LEU A 622 -11.38 19.28 12.27
N SER A 623 -11.44 19.73 13.53
CA SER A 623 -10.25 20.17 14.28
C SER A 623 -9.69 19.12 15.24
N HIS A 624 -8.41 19.26 15.57
CA HIS A 624 -7.75 18.53 16.68
C HIS A 624 -7.72 17.03 16.50
N LEU A 625 -7.21 16.60 15.35
CA LEU A 625 -7.04 15.18 15.04
C LEU A 625 -5.64 14.91 14.47
N GLN A 626 -5.33 13.63 14.29
CA GLN A 626 -4.15 13.21 13.54
C GLN A 626 -4.54 13.01 12.08
N SER A 627 -3.63 13.32 11.16
CA SER A 627 -3.89 13.19 9.73
C SER A 627 -3.90 11.69 9.36
N PRO A 628 -4.95 11.22 8.64
CA PRO A 628 -4.86 9.86 8.11
C PRO A 628 -3.65 9.66 7.18
N LEU A 629 -3.27 10.71 6.44
CA LEU A 629 -2.13 10.66 5.53
C LEU A 629 -0.77 10.46 6.22
N ASP A 630 -0.70 10.83 7.50
CA ASP A 630 0.52 10.75 8.29
C ASP A 630 0.17 11.08 9.76
N PRO A 631 0.04 10.05 10.63
CA PRO A 631 -0.45 10.26 12.00
C PRO A 631 0.40 11.17 12.90
N SER A 632 1.67 11.34 12.54
CA SER A 632 2.56 12.28 13.21
C SER A 632 2.26 13.75 12.85
N THR A 633 1.62 13.99 11.71
CA THR A 633 1.06 15.29 11.39
C THR A 633 -0.18 15.48 12.27
N LEU A 634 -0.24 16.63 12.94
CA LEU A 634 -1.40 16.99 13.74
C LEU A 634 -2.21 18.05 12.98
N LEU A 635 -3.49 17.78 12.75
CA LEU A 635 -4.40 18.74 12.17
C LEU A 635 -5.12 19.39 13.33
N GLU A 636 -4.69 20.62 13.66
CA GLU A 636 -5.15 21.31 14.86
C GLU A 636 -6.28 22.29 14.50
N GLU A 637 -5.96 23.55 14.20
CA GLU A 637 -6.96 24.60 14.05
C GLU A 637 -7.32 24.66 12.56
N VAL A 638 -8.52 24.20 12.21
CA VAL A 638 -8.97 24.27 10.82
C VAL A 638 -9.10 25.74 10.38
N CYS A 639 -8.19 26.15 9.51
CA CYS A 639 -8.11 27.53 9.06
C CYS A 639 -9.16 27.79 7.97
N VAL A 640 -10.37 28.15 8.40
CA VAL A 640 -11.56 28.19 7.54
C VAL A 640 -11.45 29.22 6.41
N GLU A 641 -10.85 30.37 6.68
CA GLU A 641 -10.69 31.41 5.65
C GLU A 641 -9.97 30.87 4.42
N GLN A 642 -8.83 30.22 4.63
CA GLN A 642 -8.03 29.72 3.51
C GLN A 642 -8.54 28.41 2.89
N CYS A 643 -9.55 27.79 3.49
CA CYS A 643 -10.17 26.63 2.86
C CYS A 643 -10.92 27.04 1.60
N THR A 644 -10.93 26.15 0.62
CA THR A 644 -11.63 26.37 -0.66
C THR A 644 -11.97 25.01 -1.29
N PHE A 645 -12.37 25.02 -2.55
CA PHE A 645 -12.49 23.80 -3.35
C PHE A 645 -11.95 24.06 -4.75
N MET A 646 -11.54 23.00 -5.43
CA MET A 646 -10.96 23.09 -6.76
C MET A 646 -11.99 22.81 -7.84
N ASP A 647 -11.73 23.35 -9.03
CA ASP A 647 -12.73 23.45 -10.08
C ASP A 647 -12.91 22.18 -10.92
N SER A 648 -12.04 21.19 -10.73
CA SER A 648 -12.16 19.90 -11.42
C SER A 648 -13.49 19.21 -11.11
N LYS A 649 -13.83 18.19 -11.89
CA LYS A 649 -15.20 17.64 -11.94
C LYS A 649 -15.76 17.21 -10.58
N MET A 650 -14.94 16.52 -9.79
CA MET A 650 -15.38 16.03 -8.48
C MET A 650 -15.34 17.09 -7.37
N LYS A 651 -14.84 18.29 -7.67
CA LYS A 651 -14.77 19.37 -6.69
C LYS A 651 -14.03 18.92 -5.42
N PRO A 652 -12.72 18.61 -5.54
CA PRO A 652 -11.98 18.28 -4.33
C PRO A 652 -11.85 19.47 -3.39
N LEU A 653 -12.06 19.24 -2.10
CA LEU A 653 -11.97 20.28 -1.10
C LEU A 653 -10.52 20.52 -0.75
N TRP A 654 -10.22 21.78 -0.44
CA TRP A 654 -8.91 22.26 -0.09
C TRP A 654 -9.02 22.71 1.34
N ILE A 655 -8.43 21.96 2.27
CA ILE A 655 -8.62 22.21 3.70
C ILE A 655 -7.30 22.54 4.35
N MET A 656 -7.17 23.77 4.83
CA MET A 656 -5.94 24.22 5.46
C MET A 656 -6.04 24.15 6.97
N TYR A 657 -4.93 23.78 7.60
CA TYR A 657 -4.85 23.63 9.05
C TYR A 657 -3.67 24.43 9.53
N SER A 658 -3.80 25.00 10.73
CA SER A 658 -2.73 25.75 11.39
C SER A 658 -2.43 25.07 12.73
N SER A 659 -1.44 25.60 13.45
CA SER A 659 -1.14 25.15 14.81
C SER A 659 -0.37 26.24 15.57
N GLU A 660 -0.74 26.43 16.82
CA GLU A 660 -0.04 27.34 17.73
C GLU A 660 1.28 26.72 18.17
N GLU A 661 1.23 25.45 18.56
CA GLU A 661 2.41 24.74 19.08
C GLU A 661 3.50 24.44 18.03
N ALA A 662 3.13 24.34 16.75
CA ALA A 662 4.04 23.90 15.68
C ALA A 662 4.63 25.00 14.79
N GLY A 663 3.98 26.15 14.67
CA GLY A 663 4.46 27.25 13.82
C GLY A 663 4.25 27.00 12.33
N SER A 664 5.33 27.01 11.55
CA SER A 664 5.28 26.74 10.10
C SER A 664 4.99 25.27 9.78
N ALA A 665 5.55 24.36 10.59
CA ALA A 665 5.26 22.92 10.47
C ALA A 665 3.79 22.58 10.67
N GLY A 666 3.08 23.38 11.47
CA GLY A 666 1.63 23.23 11.67
C GLY A 666 0.74 23.83 10.60
N ASN A 667 1.31 24.60 9.67
CA ASN A 667 0.59 25.10 8.50
C ASN A 667 0.61 24.01 7.44
N VAL A 668 -0.43 23.19 7.45
CA VAL A 668 -0.54 22.05 6.54
C VAL A 668 -1.90 22.06 5.88
N GLY A 669 -1.98 21.45 4.69
CA GLY A 669 -3.21 21.40 3.89
C GLY A 669 -3.51 19.94 3.55
N ILE A 670 -4.79 19.58 3.54
CA ILE A 670 -5.23 18.30 2.98
C ILE A 670 -6.27 18.56 1.92
N ILE A 671 -6.37 17.61 0.99
CA ILE A 671 -7.38 17.64 -0.05
C ILE A 671 -8.22 16.38 0.08
N PHE A 672 -9.51 16.58 0.36
CA PHE A 672 -10.48 15.51 0.40
C PHE A 672 -11.10 15.42 -0.98
N LYS A 673 -10.96 14.27 -1.63
CA LYS A 673 -11.57 14.01 -2.93
C LYS A 673 -12.53 12.83 -2.82
N ASN A 674 -13.78 13.06 -3.22
CA ASN A 674 -14.83 12.06 -3.17
C ASN A 674 -15.40 11.92 -4.58
N GLY A 675 -15.53 10.69 -5.05
CA GLY A 675 -16.00 10.38 -6.40
C GLY A 675 -15.00 9.71 -7.32
N ASP A 676 -13.71 9.75 -6.94
CA ASP A 676 -12.64 9.09 -7.70
C ASP A 676 -12.00 7.96 -6.90
N ASP A 677 -11.58 6.93 -7.64
CA ASP A 677 -10.85 5.80 -7.07
C ASP A 677 -9.38 6.19 -6.97
N LEU A 678 -8.93 6.50 -5.75
CA LEU A 678 -7.58 6.98 -5.49
C LEU A 678 -6.49 5.90 -5.37
N ARG A 679 -6.84 4.62 -5.46
CA ARG A 679 -5.89 3.51 -5.28
C ARG A 679 -4.80 3.52 -6.34
N GLN A 680 -5.22 3.66 -7.60
CA GLN A 680 -4.35 3.92 -8.75
C GLN A 680 -3.29 5.00 -8.45
N ASP A 681 -3.74 6.15 -7.94
CA ASP A 681 -2.83 7.21 -7.50
C ASP A 681 -1.90 6.74 -6.39
N MET A 682 -2.47 6.12 -5.35
CA MET A 682 -1.70 5.75 -4.15
C MET A 682 -0.57 4.81 -4.49
N LEU A 683 -0.86 3.82 -5.32
CA LEU A 683 0.14 2.85 -5.76
C LEU A 683 1.26 3.53 -6.56
N THR A 684 0.89 4.51 -7.39
CA THR A 684 1.85 5.21 -8.23
C THR A 684 2.80 6.06 -7.38
N LEU A 685 2.26 6.71 -6.35
CA LEU A 685 3.08 7.53 -5.44
C LEU A 685 3.98 6.72 -4.51
N GLN A 686 3.51 5.54 -4.12
CA GLN A 686 4.30 4.63 -3.28
C GLN A 686 5.48 4.02 -4.03
N MET A 687 5.27 3.70 -5.31
CA MET A 687 6.35 3.19 -6.17
C MET A 687 7.41 4.25 -6.48
N ILE A 688 6.99 5.49 -6.75
CA ILE A 688 7.93 6.62 -6.87
C ILE A 688 8.67 6.86 -5.54
N GLN A 689 7.95 6.82 -4.42
CA GLN A 689 8.55 6.90 -3.08
C GLN A 689 9.62 5.83 -2.87
N LEU A 690 9.34 4.61 -3.36
CA LEU A 690 10.24 3.47 -3.25
C LEU A 690 11.47 3.72 -4.11
N MET A 691 11.24 4.15 -5.36
CA MET A 691 12.32 4.58 -6.25
C MET A 691 13.24 5.58 -5.54
N ASP A 692 12.64 6.59 -4.89
CA ASP A 692 13.39 7.57 -4.08
C ASP A 692 14.24 6.89 -3.02
N VAL A 693 13.62 5.97 -2.28
CA VAL A 693 14.31 5.23 -1.21
C VAL A 693 15.48 4.42 -1.79
N LEU A 694 15.23 3.69 -2.87
CA LEU A 694 16.26 2.90 -3.55
C LEU A 694 17.38 3.75 -4.14
N TRP A 695 17.04 4.97 -4.60
CA TRP A 695 18.05 5.91 -5.08
C TRP A 695 18.91 6.46 -3.96
N LYS A 696 18.27 6.88 -2.89
CA LYS A 696 19.00 7.36 -1.72
C LYS A 696 19.92 6.31 -1.08
N GLN A 697 19.56 5.02 -1.19
CA GLN A 697 20.40 3.93 -0.71
C GLN A 697 21.69 3.70 -1.52
N GLU A 698 21.76 4.28 -2.72
CA GLU A 698 22.99 4.34 -3.51
C GLU A 698 23.51 5.79 -3.56
N GLY A 699 23.28 6.56 -2.49
CA GLY A 699 23.72 7.94 -2.40
C GLY A 699 23.13 8.98 -3.35
N LEU A 700 22.07 8.65 -4.08
CA LEU A 700 21.46 9.54 -5.07
C LEU A 700 20.18 10.19 -4.53
N ASP A 701 20.22 11.50 -4.31
CA ASP A 701 19.05 12.25 -3.86
C ASP A 701 18.51 13.11 -5.00
N LEU A 702 17.58 12.54 -5.78
CA LEU A 702 16.94 13.24 -6.88
C LEU A 702 15.82 14.19 -6.45
N ARG A 703 15.71 14.45 -5.14
CA ARG A 703 14.90 15.57 -4.65
C ARG A 703 13.42 15.43 -4.99
N MET A 704 12.89 14.23 -4.78
CA MET A 704 11.50 13.90 -5.11
C MET A 704 10.56 14.46 -4.03
N THR A 705 9.26 14.44 -4.32
CA THR A 705 8.24 14.94 -3.41
C THR A 705 7.24 13.82 -3.12
N PRO A 706 7.58 12.89 -2.21
CA PRO A 706 6.70 11.76 -1.94
C PRO A 706 5.53 12.16 -1.02
N TYR A 707 4.55 12.85 -1.59
CA TYR A 707 3.40 13.39 -0.82
C TYR A 707 2.31 12.34 -0.58
N GLY A 708 1.69 12.40 0.59
CA GLY A 708 0.67 11.44 1.00
C GLY A 708 -0.53 11.35 0.07
N CYS A 709 -0.98 10.12 -0.16
CA CYS A 709 -2.23 9.85 -0.85
C CYS A 709 -2.82 8.60 -0.24
N LEU A 710 -4.04 8.69 0.27
CA LEU A 710 -4.65 7.60 1.04
C LEU A 710 -6.15 7.50 0.79
N PRO A 711 -6.58 6.42 0.14
CA PRO A 711 -8.00 6.08 0.11
C PRO A 711 -8.51 5.76 1.51
N THR A 712 -9.68 6.31 1.83
CA THR A 712 -10.27 6.24 3.17
C THR A 712 -11.67 5.62 3.19
N GLY A 713 -12.21 5.30 2.02
CA GLY A 713 -13.62 4.97 1.85
C GLY A 713 -13.95 4.79 0.40
N ASP A 714 -15.23 4.57 0.11
CA ASP A 714 -15.69 4.27 -1.24
C ASP A 714 -15.44 5.45 -2.18
N ARG A 715 -14.48 5.31 -3.08
CA ARG A 715 -14.13 6.37 -4.03
C ARG A 715 -13.86 7.68 -3.29
N THR A 716 -13.22 7.55 -2.13
CA THR A 716 -13.02 8.68 -1.21
C THR A 716 -11.63 8.52 -0.61
N GLY A 717 -10.89 9.62 -0.56
CA GLY A 717 -9.58 9.62 0.08
C GLY A 717 -9.03 11.01 0.31
N LEU A 718 -7.82 11.03 0.88
CA LEU A 718 -7.12 12.28 1.17
C LEU A 718 -5.87 12.35 0.33
N ILE A 719 -5.44 13.58 0.09
CA ILE A 719 -4.17 13.88 -0.59
C ILE A 719 -3.51 14.98 0.20
N GLU A 720 -2.20 14.82 0.46
CA GLU A 720 -1.42 15.81 1.19
C GLU A 720 -1.17 17.00 0.27
N VAL A 721 -1.36 18.20 0.79
CA VAL A 721 -1.08 19.41 0.03
C VAL A 721 0.42 19.71 0.11
N VAL A 722 1.04 19.83 -1.05
CA VAL A 722 2.39 20.35 -1.12
C VAL A 722 2.20 21.85 -1.30
N LEU A 723 2.35 22.58 -0.20
CA LEU A 723 2.23 24.04 -0.18
C LEU A 723 3.38 24.70 -0.92
N HIS A 724 3.20 25.98 -1.22
CA HIS A 724 4.22 26.80 -1.87
C HIS A 724 4.64 26.20 -3.23
N SER A 725 3.64 25.85 -4.03
CA SER A 725 3.86 25.27 -5.35
C SER A 725 2.75 25.68 -6.31
N ASP A 726 3.05 25.60 -7.60
CA ASP A 726 2.08 25.93 -8.65
C ASP A 726 2.28 25.02 -9.85
N THR A 727 1.25 24.94 -10.68
CA THR A 727 1.29 24.10 -11.87
C THR A 727 2.12 24.77 -12.96
N ILE A 728 2.71 23.97 -13.85
CA ILE A 728 3.34 24.51 -15.06
C ILE A 728 2.31 25.34 -15.82
N ALA A 729 1.07 24.84 -15.89
CA ALA A 729 -0.06 25.59 -16.50
C ALA A 729 -0.17 27.00 -15.93
N ASN A 730 -0.36 27.11 -14.61
CA ASN A 730 -0.51 28.40 -13.92
C ASN A 730 0.72 29.29 -14.05
N ILE A 731 1.91 28.69 -14.01
CA ILE A 731 3.15 29.43 -14.22
C ILE A 731 3.19 29.95 -15.65
N GLN A 732 3.00 29.05 -16.61
CA GLN A 732 3.11 29.39 -18.03
C GLN A 732 1.93 30.19 -18.61
N LEU A 733 0.85 30.40 -17.84
CA LEU A 733 -0.20 31.36 -18.23
C LEU A 733 0.38 32.72 -18.64
N ASN A 734 1.43 33.15 -17.94
CA ASN A 734 2.23 34.34 -18.30
C ASN A 734 1.46 35.68 -18.16
N LYS A 735 0.29 35.65 -17.54
CA LYS A 735 -0.38 36.81 -16.91
C LYS A 735 0.55 37.93 -16.43
N SER A 736 0.15 39.17 -16.72
CA SER A 736 0.98 40.36 -16.48
C SER A 736 0.84 40.90 -15.04
N ASN A 737 1.68 41.89 -14.71
CA ASN A 737 1.79 42.48 -13.37
C ASN A 737 2.27 41.46 -12.32
N MET A 738 3.13 40.54 -12.76
CA MET A 738 3.76 39.54 -11.91
C MET A 738 5.27 39.63 -12.05
N ALA A 739 5.97 38.91 -11.18
CA ALA A 739 7.42 38.83 -11.23
C ALA A 739 7.95 38.09 -12.47
N ALA A 740 7.13 37.22 -13.04
CA ALA A 740 7.49 36.43 -14.24
C ALA A 740 6.99 37.06 -15.55
N THR A 741 7.15 38.38 -15.70
CA THR A 741 6.80 39.09 -16.94
C THR A 741 7.85 38.74 -18.02
N ALA A 742 7.48 37.82 -18.91
CA ALA A 742 8.43 37.16 -19.82
C ALA A 742 8.23 37.53 -21.29
N ALA A 743 9.35 37.79 -21.98
CA ALA A 743 9.34 38.07 -23.42
C ALA A 743 8.98 36.83 -24.23
N PHE A 744 9.41 35.67 -23.75
CA PHE A 744 9.11 34.39 -24.38
C PHE A 744 8.56 33.43 -23.33
N ASN A 745 7.62 32.57 -23.74
CA ASN A 745 7.01 31.57 -22.85
C ASN A 745 8.00 30.54 -22.32
N LYS A 746 9.09 30.28 -23.05
CA LYS A 746 10.18 29.41 -22.59
C LYS A 746 10.80 29.85 -21.25
N ASP A 747 10.84 31.17 -21.05
CA ASP A 747 11.44 31.78 -19.86
C ASP A 747 10.50 31.98 -18.67
N ALA A 748 9.22 31.60 -18.81
CA ALA A 748 8.24 31.82 -17.75
C ALA A 748 8.63 31.09 -16.46
N LEU A 749 8.92 29.79 -16.59
CA LEU A 749 9.42 28.98 -15.48
C LEU A 749 10.70 29.55 -14.85
N LEU A 750 11.65 29.93 -15.70
CA LEU A 750 12.93 30.40 -15.21
C LEU A 750 12.82 31.75 -14.50
N ASN A 751 11.93 32.63 -14.97
CA ASN A 751 11.63 33.90 -14.25
C ASN A 751 10.88 33.65 -12.95
N TRP A 752 10.01 32.63 -12.96
CA TRP A 752 9.28 32.18 -11.78
C TRP A 752 10.24 31.67 -10.71
N LEU A 753 11.12 30.75 -11.09
CA LEU A 753 12.18 30.28 -10.20
C LEU A 753 13.04 31.43 -9.70
N LYS A 754 13.41 32.35 -10.60
CA LYS A 754 14.16 33.57 -10.23
C LYS A 754 13.47 34.40 -9.18
N SER A 755 12.16 34.65 -9.37
CA SER A 755 11.39 35.47 -8.41
C SER A 755 11.31 34.84 -7.03
N LYS A 756 11.27 33.51 -6.99
CA LYS A 756 11.19 32.75 -5.74
C LYS A 756 12.57 32.47 -5.13
N ASN A 757 13.61 32.45 -5.96
CA ASN A 757 14.99 32.25 -5.49
C ASN A 757 15.93 33.35 -6.03
N PRO A 758 15.88 34.55 -5.41
CA PRO A 758 16.63 35.69 -5.94
C PRO A 758 18.13 35.64 -5.64
N GLY A 759 18.92 36.21 -6.56
CA GLY A 759 20.36 36.38 -6.36
C GLY A 759 21.12 35.07 -6.43
N GLU A 760 21.79 34.72 -5.33
CA GLU A 760 22.66 33.54 -5.28
C GLU A 760 21.89 32.21 -5.33
N ALA A 761 20.64 32.22 -4.86
CA ALA A 761 19.84 31.01 -4.70
C ALA A 761 19.26 30.41 -5.99
N LEU A 762 19.37 31.10 -7.13
CA LEU A 762 18.84 30.58 -8.40
C LEU A 762 19.51 29.27 -8.81
N ASP A 763 20.83 29.19 -8.62
CA ASP A 763 21.60 27.98 -8.95
C ASP A 763 21.13 26.76 -8.14
N ARG A 764 20.87 26.95 -6.85
CA ARG A 764 20.35 25.89 -5.99
C ARG A 764 18.98 25.33 -6.47
N ALA A 765 18.10 26.20 -6.96
CA ALA A 765 16.78 25.79 -7.45
C ALA A 765 16.82 25.05 -8.80
N ILE A 766 17.62 25.54 -9.75
CA ILE A 766 17.82 24.86 -11.03
C ILE A 766 18.36 23.45 -10.80
N GLU A 767 19.20 23.28 -9.78
CA GLU A 767 19.71 21.95 -9.42
C GLU A 767 18.56 21.10 -8.88
N GLU A 768 17.80 21.65 -7.93
CA GLU A 768 16.60 21.00 -7.41
C GLU A 768 15.68 20.59 -8.56
N PHE A 769 15.44 21.54 -9.44
CA PHE A 769 14.62 21.30 -10.62
C PHE A 769 15.14 20.18 -11.47
N THR A 770 16.44 20.27 -11.79
CA THR A 770 17.13 19.30 -12.65
C THR A 770 17.07 17.92 -12.06
N LEU A 771 17.50 17.80 -10.81
CA LEU A 771 17.46 16.51 -10.11
C LEU A 771 16.04 15.94 -10.14
N SER A 772 15.07 16.76 -9.75
CA SER A 772 13.67 16.30 -9.66
C SER A 772 13.07 15.97 -11.01
N CYS A 773 13.36 16.81 -12.01
CA CYS A 773 12.97 16.52 -13.39
C CYS A 773 13.46 15.15 -13.83
N ALA A 774 14.74 14.84 -13.57
CA ALA A 774 15.34 13.55 -13.93
C ALA A 774 14.65 12.38 -13.24
N GLY A 775 14.48 12.49 -11.93
CA GLY A 775 13.75 11.49 -11.16
C GLY A 775 12.37 11.15 -11.70
N TYR A 776 11.54 12.17 -11.90
CA TYR A 776 10.17 11.92 -12.38
C TYR A 776 10.13 11.51 -13.85
N CYS A 777 11.11 11.97 -14.64
CA CYS A 777 11.24 11.49 -16.02
C CYS A 777 11.47 9.98 -16.09
N VAL A 778 12.39 9.47 -15.28
CA VAL A 778 12.64 8.02 -15.20
C VAL A 778 11.44 7.32 -14.56
N ALA A 779 10.95 7.86 -13.45
CA ALA A 779 9.82 7.27 -12.74
C ALA A 779 8.59 7.12 -13.62
N THR A 780 8.29 8.15 -14.41
CA THR A 780 7.15 8.09 -15.34
C THR A 780 7.39 7.07 -16.45
N TYR A 781 8.61 7.01 -16.98
CA TYR A 781 8.95 6.07 -18.05
C TYR A 781 8.87 4.60 -17.62
N VAL A 782 9.41 4.29 -16.44
CA VAL A 782 9.35 2.92 -15.92
C VAL A 782 7.89 2.54 -15.61
N LEU A 783 7.18 3.41 -14.90
CA LEU A 783 5.78 3.18 -14.52
C LEU A 783 4.78 3.36 -15.67
N GLY A 784 5.22 3.92 -16.80
CA GLY A 784 4.39 3.99 -18.01
C GLY A 784 3.25 4.97 -17.89
N ILE A 785 3.55 6.15 -17.34
CA ILE A 785 2.53 7.13 -16.99
C ILE A 785 2.27 8.03 -18.20
N GLY A 786 1.06 7.94 -18.73
CA GLY A 786 0.62 8.68 -19.91
C GLY A 786 -0.26 9.88 -19.57
N ASP A 787 -0.47 10.73 -20.56
CA ASP A 787 -1.24 11.99 -20.45
C ASP A 787 -0.52 12.99 -19.53
N ARG A 788 0.71 13.34 -19.90
CA ARG A 788 1.48 14.35 -19.20
C ARG A 788 1.44 15.68 -19.95
N HIS A 789 0.73 16.66 -19.38
CA HIS A 789 0.74 18.04 -19.88
C HIS A 789 0.82 19.01 -18.68
N SER A 790 1.06 20.28 -18.97
CA SER A 790 1.36 21.30 -17.96
C SER A 790 0.41 21.37 -16.74
N ASP A 791 -0.87 21.10 -16.95
CA ASP A 791 -1.89 21.13 -15.89
C ASP A 791 -1.62 20.19 -14.71
N ASN A 792 -0.99 19.04 -14.99
CA ASN A 792 -0.72 18.01 -13.96
C ASN A 792 0.78 17.78 -13.70
N ILE A 793 1.56 18.85 -13.80
CA ILE A 793 2.95 18.88 -13.35
C ILE A 793 3.10 20.16 -12.54
N MET A 794 3.52 20.01 -11.27
CA MET A 794 3.70 21.14 -10.38
C MET A 794 5.16 21.39 -10.09
N ILE A 795 5.47 22.68 -9.86
CA ILE A 795 6.80 23.09 -9.41
C ILE A 795 6.66 23.75 -8.04
N ARG A 796 7.53 23.32 -7.14
CA ARG A 796 7.68 23.95 -5.84
C ARG A 796 8.56 25.19 -5.97
N GLU A 797 8.35 26.16 -5.07
CA GLU A 797 9.12 27.40 -5.11
C GLU A 797 10.61 27.20 -4.81
N SER A 798 10.98 26.01 -4.32
CA SER A 798 12.38 25.61 -4.19
C SER A 798 13.06 25.21 -5.49
N GLY A 799 12.27 24.98 -6.55
CA GLY A 799 12.79 24.44 -7.81
C GLY A 799 12.28 23.03 -8.08
N GLN A 800 12.02 22.28 -7.01
CA GLN A 800 11.51 20.91 -7.09
C GLN A 800 10.29 20.77 -8.01
N LEU A 801 10.35 19.80 -8.91
CA LEU A 801 9.25 19.43 -9.81
C LEU A 801 8.68 18.08 -9.38
N PHE A 802 7.35 17.93 -9.47
CA PHE A 802 6.67 16.66 -9.21
C PHE A 802 5.36 16.55 -9.96
N HIS A 803 4.81 15.33 -10.00
CA HIS A 803 3.61 15.01 -10.77
C HIS A 803 2.35 14.86 -9.90
N ILE A 804 1.21 15.23 -10.48
CA ILE A 804 -0.12 15.00 -9.88
C ILE A 804 -1.03 14.30 -10.91
N ASP A 805 -2.14 13.76 -10.40
CA ASP A 805 -3.10 12.97 -11.18
C ASP A 805 -2.48 11.79 -11.97
N PHE A 806 -2.59 10.60 -11.39
CA PHE A 806 -2.10 9.36 -11.99
C PHE A 806 -3.29 8.48 -12.35
N GLY A 807 -4.00 8.89 -13.39
CA GLY A 807 -5.13 8.13 -13.91
C GLY A 807 -4.71 6.87 -14.64
N HIS A 808 -3.67 6.99 -15.46
CA HIS A 808 -3.19 5.88 -16.29
C HIS A 808 -1.72 5.57 -16.02
N PHE A 809 -1.42 4.27 -15.94
CA PHE A 809 -0.05 3.77 -15.79
C PHE A 809 0.16 2.42 -16.48
N LEU A 810 1.42 2.02 -16.65
CA LEU A 810 1.80 0.83 -17.43
C LEU A 810 1.30 0.91 -18.88
N GLY A 811 1.41 2.10 -19.47
CA GLY A 811 1.00 2.37 -20.84
C GLY A 811 -0.41 1.95 -21.16
N ASN A 812 -1.34 2.29 -20.26
CA ASN A 812 -2.76 2.05 -20.46
C ASN A 812 -3.46 3.37 -20.79
N PHE A 813 -3.04 3.95 -21.92
CA PHE A 813 -3.84 4.90 -22.74
C PHE A 813 -5.31 5.02 -22.33
N ARG A 823 2.55 1.57 -24.60
CA ARG A 823 4.01 1.60 -24.69
C ARG A 823 4.45 3.06 -24.78
N VAL A 824 4.40 3.75 -23.65
CA VAL A 824 4.65 5.22 -23.62
C VAL A 824 6.16 5.48 -23.57
N PRO A 825 6.67 6.31 -24.51
CA PRO A 825 8.11 6.56 -24.56
C PRO A 825 8.57 7.56 -23.48
N PHE A 826 9.88 7.74 -23.41
CA PHE A 826 10.50 8.69 -22.49
C PHE A 826 10.09 10.12 -22.87
N ILE A 827 9.86 10.97 -21.87
CA ILE A 827 9.32 12.32 -22.11
C ILE A 827 10.30 13.41 -21.66
N LEU A 828 10.84 14.13 -22.65
CA LEU A 828 11.64 15.33 -22.42
C LEU A 828 10.86 16.52 -22.93
N THR A 829 10.66 17.51 -22.07
CA THR A 829 9.87 18.69 -22.39
C THR A 829 10.82 19.88 -22.54
N TYR A 830 10.63 20.66 -23.60
CA TYR A 830 11.53 21.76 -23.97
C TYR A 830 11.71 22.81 -22.88
N ASP A 831 10.62 23.17 -22.20
CA ASP A 831 10.63 24.22 -21.18
C ASP A 831 11.33 23.81 -19.90
N PHE A 832 11.43 22.50 -19.65
CA PHE A 832 12.21 21.96 -18.52
C PHE A 832 13.67 21.86 -18.92
N VAL A 833 13.91 21.32 -20.13
CA VAL A 833 15.22 21.33 -20.77
C VAL A 833 15.81 22.74 -20.76
N HIS A 834 14.95 23.73 -21.01
CA HIS A 834 15.34 25.14 -20.98
C HIS A 834 15.80 25.56 -19.59
N VAL A 835 15.10 25.10 -18.55
CA VAL A 835 15.50 25.35 -17.16
C VAL A 835 16.78 24.59 -16.77
N ILE A 836 16.92 23.34 -17.22
CA ILE A 836 18.13 22.56 -16.92
C ILE A 836 19.36 23.24 -17.51
N GLN A 837 19.22 23.69 -18.76
CA GLN A 837 20.29 24.42 -19.46
C GLN A 837 20.46 25.89 -19.02
N GLN A 838 19.84 26.28 -17.89
CA GLN A 838 19.95 27.64 -17.32
C GLN A 838 19.45 28.75 -18.26
N GLY A 839 18.49 28.40 -19.12
CA GLY A 839 17.95 29.33 -20.09
C GLY A 839 18.77 29.54 -21.35
N LYS A 840 19.90 28.83 -21.47
CA LYS A 840 20.75 28.90 -22.66
C LYS A 840 20.20 27.97 -23.73
N THR A 841 20.36 28.36 -24.99
CA THR A 841 19.93 27.55 -26.13
C THR A 841 20.82 26.32 -26.29
N ASN A 842 22.11 26.46 -25.93
CA ASN A 842 23.10 25.40 -26.04
C ASN A 842 23.92 25.32 -24.75
N ASN A 843 23.63 24.32 -23.92
CA ASN A 843 24.34 24.11 -22.65
C ASN A 843 24.43 22.62 -22.41
N SER A 844 25.25 21.96 -23.22
CA SER A 844 25.31 20.51 -23.18
C SER A 844 25.91 19.99 -21.86
N GLU A 845 26.77 20.77 -21.19
CA GLU A 845 27.36 20.29 -19.94
C GLU A 845 26.32 20.16 -18.83
N LYS A 846 25.44 21.15 -18.68
CA LYS A 846 24.33 21.05 -17.70
C LYS A 846 23.28 20.05 -18.17
N PHE A 847 23.04 19.98 -19.47
CA PHE A 847 22.08 19.01 -20.02
C PHE A 847 22.56 17.57 -19.86
N GLU A 848 23.83 17.30 -20.15
CA GLU A 848 24.37 15.93 -20.11
C GLU A 848 24.63 15.43 -18.68
N ARG A 849 24.90 16.34 -17.74
CA ARG A 849 24.78 16.02 -16.31
C ARG A 849 23.41 15.40 -16.03
N PHE A 850 22.37 16.07 -16.50
CA PHE A 850 20.98 15.62 -16.36
C PHE A 850 20.73 14.26 -17.01
N ARG A 851 21.37 13.98 -18.14
CA ARG A 851 21.36 12.63 -18.71
C ARG A 851 22.07 11.63 -17.78
N GLY A 852 23.19 12.05 -17.20
CA GLY A 852 23.90 11.26 -16.19
C GLY A 852 23.05 10.93 -14.97
N TYR A 853 22.30 11.91 -14.47
CA TYR A 853 21.35 11.68 -13.37
C TYR A 853 20.24 10.71 -13.76
N CYS A 854 19.68 10.90 -14.96
CA CYS A 854 18.63 9.99 -15.47
C CYS A 854 19.11 8.56 -15.62
N GLU A 855 20.33 8.39 -16.16
CA GLU A 855 20.92 7.05 -16.34
C GLU A 855 21.25 6.33 -15.02
N ARG A 856 21.87 7.04 -14.08
CA ARG A 856 22.10 6.53 -12.73
C ARG A 856 20.79 6.09 -12.09
N ALA A 857 19.81 7.00 -12.09
CA ALA A 857 18.48 6.70 -11.58
C ALA A 857 17.87 5.48 -12.25
N TYR A 858 18.02 5.37 -13.57
CA TYR A 858 17.49 4.23 -14.32
C TYR A 858 18.20 2.89 -14.03
N THR A 859 19.54 2.92 -13.88
CA THR A 859 20.30 1.69 -13.59
C THR A 859 20.11 1.19 -12.14
N ILE A 860 19.89 2.11 -11.19
CA ILE A 860 19.62 1.73 -9.79
C ILE A 860 18.29 0.97 -9.64
N LEU A 861 17.26 1.36 -10.39
CA LEU A 861 15.98 0.68 -10.33
C LEU A 861 16.02 -0.69 -11.01
N ARG A 862 16.75 -0.80 -12.13
CA ARG A 862 17.02 -2.10 -12.80
C ARG A 862 17.63 -3.16 -11.89
N ARG A 863 18.45 -2.75 -10.94
CA ARG A 863 19.06 -3.68 -10.00
C ARG A 863 18.05 -4.22 -8.99
N HIS A 864 17.09 -3.39 -8.62
CA HIS A 864 15.94 -3.83 -7.81
C HIS A 864 14.72 -4.10 -8.68
N GLY A 865 14.92 -4.52 -9.92
CA GLY A 865 13.82 -4.81 -10.82
C GLY A 865 12.90 -5.89 -10.28
N LEU A 866 13.51 -6.91 -9.67
CA LEU A 866 12.76 -8.01 -9.06
C LEU A 866 11.85 -7.54 -7.92
N LEU A 867 12.29 -6.54 -7.16
CA LEU A 867 11.45 -5.98 -6.09
C LEU A 867 10.14 -5.41 -6.66
N PHE A 868 10.22 -4.59 -7.70
CA PHE A 868 9.02 -4.07 -8.36
C PHE A 868 8.17 -5.20 -8.96
N LEU A 869 8.80 -6.11 -9.70
CA LEU A 869 8.09 -7.26 -10.29
C LEU A 869 7.33 -8.08 -9.24
N HIS A 870 7.96 -8.33 -8.11
CA HIS A 870 7.33 -9.06 -7.02
C HIS A 870 6.21 -8.25 -6.39
N LEU A 871 6.46 -6.96 -6.15
CA LEU A 871 5.48 -6.07 -5.52
C LEU A 871 4.27 -5.75 -6.42
N PHE A 872 4.50 -5.56 -7.72
CA PHE A 872 3.40 -5.43 -8.68
C PHE A 872 2.64 -6.74 -8.84
N ALA A 873 3.33 -7.88 -8.75
CA ALA A 873 2.67 -9.20 -8.82
C ALA A 873 1.66 -9.39 -7.70
N LEU A 874 2.05 -9.01 -6.48
CA LEU A 874 1.15 -9.09 -5.32
C LEU A 874 0.01 -8.08 -5.43
N MET A 875 0.27 -6.92 -6.06
CA MET A 875 -0.77 -5.89 -6.25
C MET A 875 -1.90 -6.28 -7.19
N ARG A 876 -1.65 -7.22 -8.11
CA ARG A 876 -2.71 -7.76 -8.98
C ARG A 876 -3.97 -8.18 -8.19
N ALA A 877 -3.76 -8.64 -6.96
CA ALA A 877 -4.84 -8.94 -6.00
C ALA A 877 -5.91 -7.86 -5.80
N ALA A 878 -5.53 -6.58 -5.97
CA ALA A 878 -6.42 -5.45 -5.66
C ALA A 878 -7.61 -5.30 -6.61
N GLY A 879 -7.49 -5.81 -7.83
CA GLY A 879 -8.52 -5.62 -8.85
C GLY A 879 -8.51 -4.22 -9.39
N LEU A 880 -7.31 -3.64 -9.54
CA LEU A 880 -7.14 -2.34 -10.17
C LEU A 880 -7.34 -2.51 -11.67
N PRO A 881 -8.27 -1.75 -12.28
CA PRO A 881 -8.54 -1.91 -13.71
C PRO A 881 -7.32 -2.00 -14.62
N GLU A 882 -6.24 -1.28 -14.28
CA GLU A 882 -5.01 -1.28 -15.09
C GLU A 882 -3.85 -2.07 -14.47
N LEU A 883 -4.17 -3.06 -13.63
CA LEU A 883 -3.18 -4.00 -13.12
C LEU A 883 -3.83 -5.38 -12.97
N SER A 884 -4.21 -5.94 -14.12
CA SER A 884 -5.11 -7.11 -14.19
C SER A 884 -4.58 -8.34 -14.94
N CYS A 885 -3.39 -8.26 -15.54
CA CYS A 885 -2.90 -9.31 -16.44
C CYS A 885 -1.38 -9.30 -16.61
N SER A 886 -0.86 -10.30 -17.32
CA SER A 886 0.57 -10.49 -17.52
C SER A 886 1.22 -9.38 -18.33
N LYS A 887 0.52 -8.89 -19.36
CA LYS A 887 1.04 -7.79 -20.20
C LYS A 887 1.20 -6.44 -19.46
N ASP A 888 0.52 -6.29 -18.32
CA ASP A 888 0.78 -5.18 -17.41
C ASP A 888 2.14 -5.38 -16.73
N ILE A 889 2.40 -6.60 -16.24
CA ILE A 889 3.68 -6.94 -15.60
C ILE A 889 4.81 -6.97 -16.63
N GLN A 890 4.50 -7.38 -17.87
CA GLN A 890 5.48 -7.36 -18.97
C GLN A 890 5.93 -5.93 -19.27
N TYR A 891 5.02 -4.96 -19.12
CA TYR A 891 5.38 -3.55 -19.30
C TYR A 891 6.61 -3.21 -18.46
N LEU A 892 6.55 -3.52 -17.17
CA LEU A 892 7.67 -3.29 -16.25
C LEU A 892 8.96 -3.95 -16.72
N LYS A 893 8.87 -5.25 -17.04
CA LYS A 893 10.01 -6.01 -17.55
C LYS A 893 10.65 -5.30 -18.75
N ASP A 894 9.81 -4.79 -19.66
CA ASP A 894 10.30 -4.14 -20.88
C ASP A 894 10.78 -2.71 -20.63
N SER A 895 10.13 -1.99 -19.72
CA SER A 895 10.54 -0.62 -19.37
C SER A 895 11.91 -0.60 -18.68
N LEU A 896 12.11 -1.53 -17.75
CA LEU A 896 13.40 -1.75 -17.10
C LEU A 896 14.39 -2.60 -17.92
N ALA A 897 13.88 -3.40 -18.86
CA ALA A 897 14.70 -4.31 -19.68
C ALA A 897 15.46 -5.28 -18.77
N LEU A 898 14.70 -6.14 -18.10
CA LEU A 898 15.21 -6.93 -16.97
C LEU A 898 16.01 -8.17 -17.38
N GLY A 899 15.75 -8.68 -18.59
CA GLY A 899 16.54 -9.76 -19.18
C GLY A 899 17.64 -9.29 -20.12
N LYS A 900 18.22 -8.12 -19.84
CA LYS A 900 19.35 -7.57 -20.60
C LYS A 900 20.55 -7.37 -19.70
N THR A 901 21.73 -7.30 -20.32
CA THR A 901 22.95 -6.94 -19.61
C THR A 901 22.89 -5.45 -19.37
N GLU A 902 23.45 -5.00 -18.24
CA GLU A 902 23.44 -3.56 -17.91
C GLU A 902 23.97 -2.69 -19.06
N GLU A 903 24.98 -3.18 -19.78
CA GLU A 903 25.51 -2.51 -20.97
C GLU A 903 24.44 -2.41 -22.08
N GLU A 904 23.76 -3.53 -22.36
CA GLU A 904 22.72 -3.56 -23.41
C GLU A 904 21.54 -2.63 -23.10
N ALA A 905 21.05 -2.66 -21.86
CA ALA A 905 19.89 -1.86 -21.46
C ALA A 905 20.16 -0.36 -21.50
N LEU A 906 21.39 0.02 -21.12
CA LEU A 906 21.82 1.43 -21.15
C LEU A 906 21.89 1.96 -22.60
N LYS A 907 22.30 1.09 -23.52
CA LYS A 907 22.26 1.39 -24.97
C LYS A 907 20.82 1.61 -25.44
N HIS A 908 19.91 0.73 -25.00
CA HIS A 908 18.49 0.81 -25.35
C HIS A 908 17.80 2.01 -24.71
N PHE A 909 18.16 2.33 -23.47
CA PHE A 909 17.65 3.51 -22.76
C PHE A 909 18.04 4.82 -23.46
N ARG A 910 19.28 4.89 -23.94
CA ARG A 910 19.79 6.08 -24.63
C ARG A 910 19.15 6.33 -26.00
N VAL A 911 18.65 5.28 -26.64
CA VAL A 911 17.84 5.43 -27.85
C VAL A 911 16.56 6.20 -27.48
N LYS A 912 15.84 5.67 -26.49
CA LYS A 912 14.58 6.27 -26.02
C LYS A 912 14.78 7.72 -25.55
N PHE A 913 15.90 7.98 -24.88
CA PHE A 913 16.26 9.33 -24.41
C PHE A 913 16.56 10.28 -25.57
N ASN A 914 17.41 9.85 -26.50
CA ASN A 914 17.72 10.64 -27.70
C ASN A 914 16.49 10.88 -28.58
N GLU A 915 15.63 9.85 -28.69
CA GLU A 915 14.31 9.99 -29.32
C GLU A 915 13.47 11.08 -28.63
N ALA A 916 13.44 11.04 -27.30
CA ALA A 916 12.71 12.03 -26.49
C ALA A 916 13.28 13.45 -26.64
N LEU A 917 14.59 13.55 -26.82
CA LEU A 917 15.26 14.83 -27.07
C LEU A 917 14.87 15.43 -28.44
N ARG A 918 14.82 14.59 -29.48
CA ARG A 918 14.38 15.01 -30.83
C ARG A 918 12.95 15.53 -30.81
N GLU A 919 12.07 14.80 -30.11
CA GLU A 919 10.66 15.16 -29.97
C GLU A 919 10.44 16.56 -29.38
N SER A 920 11.32 16.98 -28.45
CA SER A 920 11.31 18.33 -27.88
C SER A 920 11.50 19.41 -28.99
N TRP A 921 10.37 19.93 -29.50
CA TRP A 921 10.32 20.77 -30.71
C TRP A 921 11.00 20.14 -31.92
#